data_5TSG
#
_entry.id   5TSG
#
_cell.length_a   112.120
_cell.length_b   112.120
_cell.length_c   299.180
_cell.angle_alpha   90.00
_cell.angle_beta   90.00
_cell.angle_gamma   120.00
#
_symmetry.space_group_name_H-M   'P 32 2 1'
#
loop_
_entity.id
_entity.type
_entity.pdbx_description
1 polymer 'Type IV pilus biogenesis ATPase PilB'
2 non-polymer 'ZINC ION'
3 non-polymer "ADENOSINE-5'-DIPHOSPHATE"
4 non-polymer 'MAGNESIUM ION'
5 non-polymer 'FORMIC ACID'
6 water water
#
_entity_poly.entity_id   1
_entity_poly.type   'polypeptide(L)'
_entity_poly.pdbx_seq_one_letter_code
;MGSSHHHHHHSSGLVPRGSHMQASRLGELLVRNNVITKEQLAKALEEQKSADGQQRLGSILIKNGLISEPDLTSFLSKQY
GVPSINLSEFEAEQAVVKIIPADVAQKYQIVPVNRAGSTLIIAMADPSNIFAIDDIKFMTGYNVEVVVASESAIKAAIDK
YYDQSASLADVMGDLEMDDLEVIDTDDEVDVSSLERATEDAPVVKLVNLILTDAIKRKASDIHIEPYERSFRVRYRIDGV
LYEVMKPPLKLKNAITSRIKIMAELDIAERRLPQDGRIKIKLGGGQDMDYRVSVLPTLFGEKVVLRLLDKSNLQLDMTKL
GYEPDALHYFKEAIHKPFGMVLVTGPTGSGKTVSLYSALGELNKTTENISTAEDPVEFNFAGINQVQMHEDIGLNFAAAL
RSFLRQDPDIIMIGEIRDFETAEIAIKAALTGHLVLSTLHTNDAPATINRLLNMGVEPFLVASAVNLITAQRLARRVCSE
CKQPEEIPIQALIDAGVSPDEGPSYVCYKGTGCVKCNNTGYKGRVGFYQVMPMLEEIRELILNGANTAEIKRESMRLGIK
TMRQSGLTKLKEGVTSFEEVLRVTVADD
;
_entity_poly.pdbx_strand_id   B,C,D
#
# COMPACT_ATOMS: atom_id res chain seq x y z
N ALA A 201 -36.01 25.07 -17.95
CA ALA A 201 -36.11 24.46 -16.63
C ALA A 201 -35.62 25.42 -15.53
N PRO A 202 -36.14 25.27 -14.31
CA PRO A 202 -35.62 26.08 -13.19
C PRO A 202 -34.16 25.82 -12.89
N VAL A 203 -33.61 24.69 -13.34
CA VAL A 203 -32.22 24.34 -13.08
C VAL A 203 -31.30 25.49 -13.51
N VAL A 204 -31.62 26.14 -14.63
CA VAL A 204 -30.82 27.27 -15.10
C VAL A 204 -30.82 28.38 -14.06
N LYS A 205 -32.02 28.83 -13.66
CA LYS A 205 -32.13 29.87 -12.65
C LYS A 205 -31.42 29.46 -11.36
N LEU A 206 -31.54 28.19 -10.95
CA LEU A 206 -30.98 27.80 -9.66
C LEU A 206 -29.46 27.78 -9.72
N VAL A 207 -28.89 27.30 -10.83
CA VAL A 207 -27.44 27.27 -10.96
C VAL A 207 -26.88 28.69 -10.94
N ASN A 208 -27.52 29.60 -11.67
CA ASN A 208 -27.07 30.98 -11.68
C ASN A 208 -27.23 31.62 -10.31
N LEU A 209 -28.31 31.28 -9.60
CA LEU A 209 -28.52 31.79 -8.25
C LEU A 209 -27.40 31.35 -7.30
N ILE A 210 -26.96 30.10 -7.42
CA ILE A 210 -25.86 29.62 -6.60
C ILE A 210 -24.60 30.42 -6.89
N LEU A 211 -24.37 30.73 -8.17
CA LEU A 211 -23.19 31.47 -8.56
C LEU A 211 -23.31 32.95 -8.24
N THR A 212 -24.49 33.54 -8.47
CA THR A 212 -24.64 34.97 -8.24
C THR A 212 -24.64 35.29 -6.74
N ASP A 213 -25.20 34.41 -5.91
CA ASP A 213 -25.12 34.65 -4.47
C ASP A 213 -23.72 34.48 -3.94
N ALA A 214 -22.90 33.65 -4.62
CA ALA A 214 -21.50 33.49 -4.24
C ALA A 214 -20.72 34.79 -4.45
N ILE A 215 -21.02 35.51 -5.53
CA ILE A 215 -20.32 36.76 -5.79
C ILE A 215 -20.78 37.84 -4.83
N LYS A 216 -22.08 37.90 -4.55
CA LYS A 216 -22.58 38.86 -3.57
C LYS A 216 -22.00 38.58 -2.19
N ARG A 217 -21.81 37.32 -1.86
CA ARG A 217 -21.38 36.90 -0.54
C ARG A 217 -19.86 36.94 -0.37
N LYS A 218 -19.13 37.26 -1.44
CA LYS A 218 -17.66 37.36 -1.45
C LYS A 218 -17.01 36.05 -1.02
N ALA A 219 -17.61 34.92 -1.42
CA ALA A 219 -17.03 33.62 -1.12
C ALA A 219 -15.80 33.36 -1.99
N SER A 220 -14.79 32.73 -1.40
CA SER A 220 -13.63 32.31 -2.21
C SER A 220 -13.89 31.05 -3.04
N ASP A 221 -14.73 30.13 -2.55
CA ASP A 221 -14.94 28.83 -3.18
C ASP A 221 -16.40 28.40 -3.07
N ILE A 222 -16.86 27.64 -4.07
CA ILE A 222 -18.22 27.09 -4.09
C ILE A 222 -18.10 25.56 -4.17
N HIS A 223 -18.85 24.88 -3.32
CA HIS A 223 -18.93 23.43 -3.32
C HIS A 223 -20.38 23.00 -3.50
N ILE A 224 -20.68 22.20 -4.52
CA ILE A 224 -21.97 21.53 -4.51
C ILE A 224 -21.65 20.06 -4.31
N GLU A 225 -22.00 19.54 -3.13
CA GLU A 225 -21.81 18.14 -2.76
C GLU A 225 -23.07 17.31 -2.52
N PRO A 226 -23.40 16.34 -3.37
CA PRO A 226 -24.43 15.35 -2.99
C PRO A 226 -23.93 14.35 -1.95
N TYR A 227 -24.85 13.91 -1.09
CA TYR A 227 -24.63 12.77 -0.20
C TYR A 227 -25.78 11.77 -0.31
N GLU A 228 -25.68 10.70 0.48
CA GLU A 228 -26.69 9.64 0.48
C GLU A 228 -28.06 10.18 0.82
N ARG A 229 -28.15 10.93 1.93
CA ARG A 229 -29.40 11.50 2.38
C ARG A 229 -29.46 12.98 2.04
N SER A 230 -28.62 13.82 2.65
CA SER A 230 -28.80 15.23 2.39
C SER A 230 -28.21 15.64 1.04
N PHE A 231 -28.34 16.92 0.73
CA PHE A 231 -27.72 17.56 -0.41
C PHE A 231 -27.34 18.97 0.05
N ARG A 232 -26.17 19.47 -0.36
CA ARG A 232 -25.71 20.71 0.25
C ARG A 232 -24.93 21.57 -0.74
N VAL A 233 -25.02 22.88 -0.54
CA VAL A 233 -24.15 23.86 -1.19
C VAL A 233 -23.37 24.59 -0.10
N ARG A 234 -22.06 24.73 -0.31
CA ARG A 234 -21.16 25.37 0.63
C ARG A 234 -20.44 26.52 -0.05
N TYR A 235 -20.33 27.64 0.65
CA TYR A 235 -19.40 28.72 0.28
C TYR A 235 -18.24 28.73 1.24
N ARG A 236 -17.04 28.97 0.73
CA ARG A 236 -15.90 29.31 1.58
C ARG A 236 -15.78 30.82 1.64
N ILE A 237 -15.83 31.37 2.84
CA ILE A 237 -15.80 32.82 3.01
C ILE A 237 -14.69 33.16 3.99
N ASP A 238 -13.71 33.93 3.53
CA ASP A 238 -12.60 34.38 4.37
C ASP A 238 -11.85 33.20 4.98
N GLY A 239 -11.66 32.14 4.19
CA GLY A 239 -10.89 30.99 4.60
C GLY A 239 -11.66 29.98 5.42
N VAL A 240 -12.93 30.24 5.73
CA VAL A 240 -13.74 29.35 6.56
C VAL A 240 -14.98 28.96 5.77
N LEU A 241 -15.32 27.68 5.83
CA LEU A 241 -16.45 27.16 5.07
C LEU A 241 -17.76 27.32 5.86
N TYR A 242 -18.82 27.72 5.17
CA TYR A 242 -20.17 27.83 5.71
C TYR A 242 -21.15 27.27 4.69
N GLU A 243 -22.16 26.49 5.12
CA GLU A 243 -23.11 25.98 4.14
C GLU A 243 -24.25 27.00 3.95
N VAL A 244 -24.40 27.51 2.73
CA VAL A 244 -25.53 28.41 2.46
C VAL A 244 -26.78 27.75 1.86
N MET A 245 -26.79 26.45 1.55
CA MET A 245 -27.97 25.94 0.82
C MET A 245 -28.24 24.45 1.05
N LYS A 246 -29.50 24.05 0.77
CA LYS A 246 -29.89 22.64 0.69
C LYS A 246 -30.83 22.39 -0.49
N PRO A 247 -30.32 22.40 -1.72
CA PRO A 247 -31.18 22.10 -2.89
C PRO A 247 -31.69 20.66 -2.89
N PRO A 248 -32.81 20.39 -3.55
CA PRO A 248 -33.39 19.04 -3.52
C PRO A 248 -32.60 18.04 -4.37
N LEU A 249 -32.60 16.78 -3.89
CA LEU A 249 -31.79 15.74 -4.52
C LEU A 249 -32.34 15.31 -5.89
N LYS A 250 -33.58 15.67 -6.22
CA LYS A 250 -34.12 15.33 -7.52
C LYS A 250 -33.35 16.05 -8.62
N LEU A 251 -32.95 17.28 -8.34
CA LEU A 251 -32.25 18.13 -9.28
C LEU A 251 -30.75 17.87 -9.28
N LYS A 252 -30.28 17.00 -8.37
CA LYS A 252 -28.85 16.79 -8.18
C LYS A 252 -28.16 16.36 -9.46
N ASN A 253 -28.75 15.42 -10.20
CA ASN A 253 -28.13 15.01 -11.45
C ASN A 253 -28.25 16.11 -12.49
N ALA A 254 -29.35 16.88 -12.45
CA ALA A 254 -29.51 18.01 -13.35
C ALA A 254 -28.56 19.16 -12.98
N ILE A 255 -28.40 19.43 -11.69
CA ILE A 255 -27.58 20.56 -11.25
C ILE A 255 -26.14 20.40 -11.72
N THR A 256 -25.56 19.22 -11.47
CA THR A 256 -24.21 18.97 -11.99
C THR A 256 -24.19 19.02 -13.51
N SER A 257 -25.19 18.38 -14.15
CA SER A 257 -25.17 18.23 -15.60
C SER A 257 -25.13 19.58 -16.32
N ARG A 258 -25.89 20.57 -15.86
CA ARG A 258 -25.89 21.84 -16.58
C ARG A 258 -24.54 22.54 -16.43
N ILE A 259 -23.95 22.44 -15.24
CA ILE A 259 -22.65 23.07 -15.00
C ILE A 259 -21.61 22.50 -15.96
N LYS A 260 -21.72 21.22 -16.31
CA LYS A 260 -20.80 20.64 -17.27
C LYS A 260 -20.97 21.29 -18.64
N ILE A 261 -22.23 21.56 -19.02
CA ILE A 261 -22.51 22.28 -20.25
C ILE A 261 -21.86 23.67 -20.23
N MET A 262 -21.96 24.35 -19.09
CA MET A 262 -21.40 25.69 -18.97
C MET A 262 -19.89 25.68 -19.13
N ALA A 263 -19.24 24.61 -18.69
CA ALA A 263 -17.79 24.46 -18.76
C ALA A 263 -17.28 23.89 -20.08
N GLU A 264 -18.16 23.55 -21.02
CA GLU A 264 -17.76 22.86 -22.25
C GLU A 264 -17.10 21.53 -21.92
N LEU A 265 -17.75 20.78 -21.03
CA LEU A 265 -17.24 19.55 -20.46
C LEU A 265 -18.17 18.40 -20.83
N ASP A 266 -17.62 17.18 -20.84
CA ASP A 266 -18.33 16.04 -21.39
C ASP A 266 -19.31 15.51 -20.37
N ILE A 267 -20.59 15.46 -20.77
CA ILE A 267 -21.66 14.95 -19.91
C ILE A 267 -21.65 13.44 -19.89
N ALA A 268 -21.03 12.81 -20.88
CA ALA A 268 -21.22 11.38 -21.10
C ALA A 268 -20.64 10.54 -19.96
N GLU A 269 -19.53 10.96 -19.36
CA GLU A 269 -18.93 10.21 -18.27
C GLU A 269 -19.35 10.81 -16.94
N ARG A 270 -20.13 10.05 -16.15
CA ARG A 270 -20.28 10.37 -14.75
C ARG A 270 -19.32 9.63 -13.83
N ARG A 271 -18.47 8.75 -14.35
CA ARG A 271 -17.55 8.00 -13.50
C ARG A 271 -16.17 8.62 -13.34
N LEU A 272 -15.88 9.76 -13.97
CA LEU A 272 -14.52 10.26 -13.96
C LEU A 272 -14.48 11.73 -13.59
N PRO A 273 -13.37 12.19 -13.02
CA PRO A 273 -13.21 13.63 -12.74
C PRO A 273 -13.01 14.44 -14.02
N GLN A 274 -13.56 15.65 -14.01
CA GLN A 274 -13.42 16.57 -15.13
C GLN A 274 -13.09 17.96 -14.61
N ASP A 275 -12.33 18.73 -15.40
CA ASP A 275 -11.91 20.08 -15.05
C ASP A 275 -12.11 21.02 -16.24
N GLY A 276 -12.29 22.31 -15.94
CA GLY A 276 -12.45 23.30 -17.00
C GLY A 276 -12.51 24.70 -16.43
N ARG A 277 -12.89 25.64 -17.30
CA ARG A 277 -13.12 27.03 -16.93
C ARG A 277 -14.52 27.46 -17.38
N ILE A 278 -15.09 28.46 -16.70
CA ILE A 278 -16.37 29.05 -17.12
C ILE A 278 -16.31 30.57 -17.00
N LYS A 279 -16.69 31.27 -18.08
CA LYS A 279 -16.95 32.70 -18.06
C LYS A 279 -18.43 32.95 -18.33
N ILE A 280 -19.06 33.75 -17.46
CA ILE A 280 -20.47 34.10 -17.58
C ILE A 280 -20.64 35.60 -17.39
N LYS A 281 -21.82 36.10 -17.78
CA LYS A 281 -22.14 37.51 -17.65
C LYS A 281 -23.35 37.69 -16.74
N LEU A 282 -23.44 38.88 -16.13
CA LEU A 282 -24.50 39.19 -15.18
C LEU A 282 -25.84 39.42 -15.88
N ASP A 287 -19.22 40.75 -15.81
CA ASP A 287 -18.74 39.43 -16.19
C ASP A 287 -17.86 38.83 -15.11
N MET A 288 -17.99 37.52 -14.89
CA MET A 288 -17.21 36.82 -13.88
C MET A 288 -16.76 35.47 -14.44
N ASP A 289 -15.51 35.09 -14.16
CA ASP A 289 -14.97 33.80 -14.58
C ASP A 289 -14.17 33.13 -13.47
N TYR A 290 -14.39 31.82 -13.31
CA TYR A 290 -13.78 31.01 -12.27
C TYR A 290 -13.73 29.56 -12.75
N ARG A 291 -12.87 28.75 -12.13
CA ARG A 291 -12.73 27.41 -12.66
C ARG A 291 -13.73 26.44 -12.05
N VAL A 292 -13.65 25.18 -12.50
CA VAL A 292 -14.53 24.10 -12.10
C VAL A 292 -13.73 22.82 -11.93
N SER A 293 -13.95 22.12 -10.82
CA SER A 293 -13.45 20.76 -10.68
C SER A 293 -14.63 19.87 -10.35
N VAL A 294 -14.77 18.77 -11.07
CA VAL A 294 -15.84 17.81 -10.85
C VAL A 294 -15.21 16.53 -10.33
N LEU A 295 -15.87 15.90 -9.38
CA LEU A 295 -15.36 14.65 -8.90
C LEU A 295 -16.49 13.65 -8.78
N PRO A 296 -16.23 12.37 -9.05
CA PRO A 296 -17.28 11.33 -8.93
C PRO A 296 -17.44 10.70 -7.54
N THR A 297 -18.10 11.43 -6.64
CA THR A 297 -18.37 10.92 -5.31
C THR A 297 -19.39 9.78 -5.38
N LEU A 298 -19.38 8.95 -4.35
CA LEU A 298 -20.18 7.73 -4.32
C LEU A 298 -21.65 7.98 -4.66
N PHE A 299 -22.25 9.00 -4.05
CA PHE A 299 -23.67 9.30 -4.26
C PHE A 299 -23.95 10.32 -5.35
N GLY A 300 -22.93 10.82 -6.03
CA GLY A 300 -23.11 11.76 -7.12
C GLY A 300 -21.84 12.54 -7.36
N GLU A 301 -21.92 13.51 -8.27
CA GLU A 301 -20.73 14.29 -8.55
C GLU A 301 -20.71 15.55 -7.70
N LYS A 302 -19.59 15.78 -7.02
CA LYS A 302 -19.36 17.02 -6.31
C LYS A 302 -18.61 17.97 -7.24
N VAL A 303 -19.06 19.22 -7.28
CA VAL A 303 -18.47 20.22 -8.13
C VAL A 303 -17.91 21.30 -7.22
N VAL A 304 -16.69 21.71 -7.49
CA VAL A 304 -16.08 22.79 -6.74
C VAL A 304 -15.78 23.91 -7.71
N LEU A 305 -16.22 25.11 -7.38
CA LEU A 305 -15.94 26.28 -8.18
C LEU A 305 -15.19 27.25 -7.28
N ARG A 306 -14.02 27.64 -7.77
CA ARG A 306 -13.01 28.42 -7.07
C ARG A 306 -12.92 29.75 -7.79
N LEU A 307 -13.29 30.83 -7.12
CA LEU A 307 -13.43 32.09 -7.83
C LEU A 307 -12.06 32.72 -8.04
N LEU A 308 -11.81 33.13 -9.29
CA LEU A 308 -10.69 33.98 -9.65
C LEU A 308 -11.30 35.30 -10.10
N ASP A 309 -11.08 36.36 -9.33
CA ASP A 309 -11.77 37.61 -9.56
C ASP A 309 -10.91 38.49 -10.48
N LYS A 310 -11.46 38.87 -11.64
CA LYS A 310 -10.61 39.49 -12.66
C LYS A 310 -10.19 40.91 -12.27
N SER A 311 -11.13 41.75 -11.85
CA SER A 311 -10.80 43.14 -11.54
C SER A 311 -10.43 43.38 -10.09
N ASN A 312 -10.50 42.37 -9.22
CA ASN A 312 -10.33 42.55 -7.78
C ASN A 312 -8.91 42.33 -7.27
N LEU A 313 -7.95 42.03 -8.15
CA LEU A 313 -6.55 41.88 -7.73
C LEU A 313 -6.07 43.13 -6.98
N GLN A 314 -5.45 42.91 -5.82
CA GLN A 314 -5.12 44.00 -4.90
C GLN A 314 -4.16 45.01 -5.53
N LEU A 315 -3.01 44.55 -6.04
CA LEU A 315 -2.01 45.39 -6.69
C LEU A 315 -1.26 46.36 -5.77
N ASP A 316 -1.65 46.47 -4.50
CA ASP A 316 -0.98 47.39 -3.57
C ASP A 316 -0.37 46.63 -2.40
N MET A 317 0.90 46.95 -2.10
CA MET A 317 1.64 46.25 -1.06
C MET A 317 1.22 46.67 0.36
N THR A 318 1.07 47.97 0.60
CA THR A 318 0.63 48.42 1.93
C THR A 318 -0.77 47.92 2.25
N LYS A 319 -1.58 47.65 1.22
CA LYS A 319 -2.96 47.25 1.39
C LYS A 319 -3.09 45.82 1.88
N LEU A 320 -2.01 45.06 1.80
CA LEU A 320 -2.00 43.67 2.21
C LEU A 320 -1.64 43.48 3.68
N GLY A 321 -1.37 44.56 4.41
CA GLY A 321 -0.98 44.46 5.80
C GLY A 321 0.51 44.31 6.05
N TYR A 322 1.35 44.55 5.05
CA TYR A 322 2.80 44.52 5.25
C TYR A 322 3.21 45.50 6.35
N GLU A 323 4.17 45.09 7.17
CA GLU A 323 4.68 45.99 8.17
C GLU A 323 5.41 47.12 7.48
N PRO A 324 5.32 48.36 7.98
CA PRO A 324 6.00 49.47 7.31
C PRO A 324 7.49 49.22 7.14
N ASP A 325 8.13 48.63 8.14
CA ASP A 325 9.55 48.30 8.06
C ASP A 325 9.78 47.13 7.12
N ALA A 326 8.93 46.10 7.21
CA ALA A 326 9.02 44.94 6.33
C ALA A 326 8.84 45.31 4.86
N LEU A 327 7.90 46.21 4.58
CA LEU A 327 7.62 46.59 3.19
C LEU A 327 8.85 47.21 2.54
N HIS A 328 9.61 47.99 3.30
CA HIS A 328 10.82 48.59 2.77
C HIS A 328 11.80 47.50 2.34
N TYR A 329 11.95 46.46 3.17
CA TYR A 329 12.86 45.36 2.83
C TYR A 329 12.39 44.59 1.60
N PHE A 330 11.09 44.30 1.51
CA PHE A 330 10.56 43.58 0.36
C PHE A 330 10.83 44.36 -0.92
N LYS A 331 10.54 45.67 -0.90
CA LYS A 331 10.83 46.52 -2.05
C LYS A 331 12.33 46.55 -2.35
N GLU A 332 13.15 46.59 -1.31
CA GLU A 332 14.60 46.57 -1.51
C GLU A 332 15.05 45.28 -2.18
N ALA A 333 14.41 44.16 -1.83
CA ALA A 333 14.79 42.89 -2.44
C ALA A 333 14.38 42.82 -3.90
N ILE A 334 13.17 43.28 -4.23
CA ILE A 334 12.66 43.08 -5.58
C ILE A 334 13.28 44.02 -6.61
N HIS A 335 13.81 45.16 -6.18
CA HIS A 335 14.37 46.12 -7.13
C HIS A 335 15.87 45.94 -7.37
N LYS A 336 16.53 45.00 -6.71
CA LYS A 336 17.94 44.75 -6.99
C LYS A 336 18.11 44.13 -8.37
N PRO A 337 19.24 44.38 -9.04
CA PRO A 337 19.44 43.81 -10.39
C PRO A 337 19.59 42.29 -10.43
N PHE A 338 20.00 41.64 -9.34
CA PHE A 338 20.26 40.20 -9.39
C PHE A 338 19.82 39.55 -8.09
N GLY A 339 19.68 38.23 -8.13
CA GLY A 339 19.39 37.43 -6.95
C GLY A 339 17.91 37.08 -6.85
N MET A 340 17.60 36.19 -5.91
CA MET A 340 16.23 35.71 -5.72
C MET A 340 15.65 36.12 -4.37
N VAL A 341 14.35 36.43 -4.40
CA VAL A 341 13.55 36.70 -3.21
C VAL A 341 12.46 35.64 -3.13
N LEU A 342 12.38 34.95 -2.00
CA LEU A 342 11.47 33.84 -1.78
C LEU A 342 10.37 34.18 -0.78
N VAL A 343 9.12 33.99 -1.20
CA VAL A 343 7.94 34.17 -0.36
C VAL A 343 7.31 32.80 -0.11
N THR A 344 7.20 32.40 1.16
CA THR A 344 6.78 31.05 1.52
C THR A 344 5.52 31.08 2.36
N GLY A 345 4.80 29.95 2.33
CA GLY A 345 3.63 29.74 3.15
C GLY A 345 2.77 28.64 2.56
N PRO A 346 1.69 28.25 3.25
CA PRO A 346 0.81 27.20 2.73
C PRO A 346 -0.07 27.74 1.60
N THR A 347 -0.91 26.83 1.08
CA THR A 347 -1.86 27.19 0.03
C THR A 347 -2.91 28.15 0.56
N GLY A 348 -3.22 29.16 -0.23
CA GLY A 348 -4.22 30.12 0.19
C GLY A 348 -3.69 31.16 1.15
N SER A 349 -2.37 31.28 1.28
CA SER A 349 -1.76 32.25 2.18
C SER A 349 -1.47 33.58 1.50
N GLY A 350 -1.80 33.71 0.22
CA GLY A 350 -1.62 34.96 -0.47
C GLY A 350 -0.30 35.12 -1.17
N LYS A 351 0.45 34.03 -1.38
CA LYS A 351 1.73 34.14 -2.07
C LYS A 351 1.54 34.65 -3.48
N THR A 352 0.50 34.15 -4.16
CA THR A 352 0.21 34.58 -5.51
C THR A 352 -0.19 36.05 -5.54
N VAL A 353 -0.99 36.49 -4.57
CA VAL A 353 -1.33 37.90 -4.46
C VAL A 353 -0.07 38.74 -4.28
N SER A 354 0.82 38.31 -3.39
CA SER A 354 2.06 39.06 -3.17
C SER A 354 2.93 39.10 -4.42
N LEU A 355 3.08 37.96 -5.12
CA LEU A 355 3.94 37.92 -6.30
C LEU A 355 3.36 38.71 -7.47
N TYR A 356 2.06 38.59 -7.72
CA TYR A 356 1.45 39.38 -8.80
C TYR A 356 1.59 40.86 -8.53
N SER A 357 1.43 41.27 -7.27
CA SER A 357 1.62 42.66 -6.89
C SER A 357 3.06 43.10 -7.08
N ALA A 358 4.01 42.23 -6.76
CA ALA A 358 5.41 42.57 -6.97
C ALA A 358 5.72 42.75 -8.45
N LEU A 359 5.28 41.81 -9.29
CA LEU A 359 5.44 41.97 -10.72
C LEU A 359 4.67 43.20 -11.22
N GLY A 360 3.49 43.43 -10.65
CA GLY A 360 2.79 44.66 -10.96
C GLY A 360 3.59 45.89 -10.55
N GLU A 361 4.26 45.82 -9.39
CA GLU A 361 5.01 46.97 -8.90
C GLU A 361 6.11 47.39 -9.86
N LEU A 362 7.02 46.46 -10.22
CA LEU A 362 7.93 46.77 -11.31
C LEU A 362 7.43 46.02 -12.54
N ASN A 363 6.97 46.79 -13.51
CA ASN A 363 6.78 46.40 -14.90
C ASN A 363 7.17 47.62 -15.70
N LYS A 364 7.91 47.43 -16.78
CA LYS A 364 8.28 48.57 -17.60
C LYS A 364 8.44 48.09 -19.03
N THR A 365 8.26 49.03 -19.96
CA THR A 365 8.44 48.73 -21.36
C THR A 365 9.88 48.32 -21.64
N THR A 366 10.81 48.68 -20.75
CA THR A 366 12.23 48.43 -20.89
C THR A 366 12.68 47.01 -20.53
N GLU A 367 11.86 46.20 -19.86
CA GLU A 367 12.28 44.87 -19.48
C GLU A 367 11.34 43.80 -20.01
N ASN A 368 11.92 42.63 -20.33
CA ASN A 368 11.17 41.43 -20.66
C ASN A 368 11.18 40.58 -19.41
N ILE A 369 10.00 40.39 -18.83
CA ILE A 369 9.80 39.65 -17.59
C ILE A 369 9.12 38.35 -17.96
N SER A 370 9.57 37.24 -17.39
CA SER A 370 9.00 35.97 -17.81
C SER A 370 8.62 35.16 -16.59
N THR A 371 7.43 34.55 -16.67
CA THR A 371 6.81 33.85 -15.57
C THR A 371 6.33 32.47 -16.01
N ALA A 372 6.57 31.48 -15.17
CA ALA A 372 6.04 30.13 -15.35
C ALA A 372 5.12 29.80 -14.19
N GLU A 373 3.84 29.59 -14.47
CA GLU A 373 2.85 29.37 -13.43
C GLU A 373 2.00 28.14 -13.75
N ASP A 374 1.59 27.44 -12.69
CA ASP A 374 0.77 26.23 -12.80
C ASP A 374 -0.42 26.20 -11.84
N PRO A 375 -1.55 26.79 -12.24
CA PRO A 375 -1.81 27.55 -13.46
C PRO A 375 -1.50 29.03 -13.31
N VAL A 376 -1.71 29.81 -14.38
CA VAL A 376 -1.70 31.27 -14.26
C VAL A 376 -3.07 31.69 -13.73
N GLU A 377 -3.10 32.39 -12.60
CA GLU A 377 -4.42 32.80 -12.12
C GLU A 377 -4.90 34.16 -12.64
N PHE A 378 -4.07 34.94 -13.32
CA PHE A 378 -4.53 36.20 -13.91
C PHE A 378 -3.72 36.50 -15.16
N ASN A 379 -4.35 37.17 -16.13
CA ASN A 379 -3.66 37.57 -17.36
C ASN A 379 -3.29 39.05 -17.27
N PHE A 380 -2.01 39.36 -17.42
CA PHE A 380 -1.55 40.76 -17.44
C PHE A 380 -1.00 41.15 -18.80
N ALA A 381 -1.51 42.25 -19.35
CA ALA A 381 -0.84 42.92 -20.46
C ALA A 381 0.53 43.41 -20.03
N GLY A 382 1.50 43.24 -20.92
CA GLY A 382 2.86 43.70 -20.71
C GLY A 382 3.79 42.70 -20.05
N ILE A 383 3.25 41.69 -19.39
CA ILE A 383 4.01 40.55 -18.89
C ILE A 383 3.54 39.34 -19.67
N ASN A 384 4.48 38.55 -20.21
CA ASN A 384 4.11 37.45 -21.08
C ASN A 384 4.03 36.20 -20.22
N GLN A 385 2.83 35.66 -20.11
CA GLN A 385 2.51 34.59 -19.18
C GLN A 385 2.20 33.33 -19.94
N VAL A 386 2.87 32.24 -19.60
CA VAL A 386 2.63 30.94 -20.18
C VAL A 386 2.00 30.06 -19.12
N GLN A 387 0.93 29.37 -19.50
CA GLN A 387 0.34 28.38 -18.61
C GLN A 387 1.03 27.06 -18.90
N MET A 388 1.51 26.42 -17.86
CA MET A 388 2.33 25.24 -17.98
C MET A 388 1.51 23.97 -17.90
N HIS A 389 1.83 23.03 -18.78
CA HIS A 389 1.14 21.74 -18.85
C HIS A 389 2.19 20.65 -18.78
N GLU A 390 2.13 19.83 -17.72
CA GLU A 390 3.17 18.83 -17.50
C GLU A 390 3.00 17.63 -18.42
N ASP A 391 1.75 17.23 -18.68
CA ASP A 391 1.45 16.05 -19.48
C ASP A 391 2.00 16.14 -20.91
N ILE A 392 2.24 17.36 -21.41
CA ILE A 392 2.76 17.54 -22.76
C ILE A 392 4.29 17.60 -22.77
N GLY A 393 4.92 17.44 -21.61
CA GLY A 393 6.37 17.43 -21.50
C GLY A 393 6.98 18.73 -21.02
N LEU A 394 6.15 19.70 -20.64
CA LEU A 394 6.59 21.00 -20.14
C LEU A 394 6.57 20.97 -18.62
N ASN A 395 7.73 21.09 -18.00
CA ASN A 395 7.83 21.15 -16.55
C ASN A 395 8.34 22.53 -16.15
N PHE A 396 8.50 22.74 -14.85
CA PHE A 396 9.11 23.99 -14.40
C PHE A 396 10.53 24.10 -14.93
N ALA A 397 11.29 23.00 -14.88
CA ALA A 397 12.66 23.02 -15.38
C ALA A 397 12.69 23.31 -16.87
N ALA A 398 11.85 22.62 -17.65
CA ALA A 398 11.85 22.81 -19.09
C ALA A 398 11.40 24.22 -19.46
N ALA A 399 10.41 24.77 -18.73
CA ALA A 399 9.99 26.14 -18.96
C ALA A 399 11.09 27.10 -18.56
N LEU A 400 11.78 26.83 -17.45
CA LEU A 400 12.86 27.69 -17.01
C LEU A 400 14.03 27.68 -18.01
N ARG A 401 14.37 26.49 -18.55
CA ARG A 401 15.46 26.41 -19.51
C ARG A 401 15.21 27.29 -20.72
N SER A 402 13.96 27.34 -21.17
CA SER A 402 13.61 28.25 -22.25
C SER A 402 13.78 29.69 -21.81
N PHE A 403 13.38 30.01 -20.57
CA PHE A 403 13.53 31.37 -20.07
C PHE A 403 14.97 31.88 -20.18
N LEU A 404 15.96 31.04 -19.83
CA LEU A 404 17.33 31.52 -19.96
C LEU A 404 17.72 31.76 -21.41
N ARG A 405 17.02 31.15 -22.36
CA ARG A 405 17.26 31.35 -23.79
C ARG A 405 16.46 32.49 -24.38
N GLN A 406 15.53 33.09 -23.62
CA GLN A 406 14.73 34.21 -24.09
C GLN A 406 15.31 35.59 -23.74
N ASP A 407 16.48 35.65 -23.09
CA ASP A 407 17.16 36.89 -22.67
C ASP A 407 16.29 37.74 -21.76
N PRO A 408 15.81 37.15 -20.66
CA PRO A 408 15.04 37.91 -19.68
C PRO A 408 15.93 38.83 -18.86
N ASP A 409 15.27 39.81 -18.23
CA ASP A 409 15.83 40.49 -17.06
C ASP A 409 15.37 39.76 -15.79
N ILE A 410 14.07 39.78 -15.50
CA ILE A 410 13.53 39.16 -14.28
C ILE A 410 12.67 37.95 -14.64
N ILE A 411 12.80 36.87 -13.86
CA ILE A 411 12.13 35.58 -14.08
C ILE A 411 11.30 35.18 -12.85
N MET A 412 10.05 34.75 -13.09
CA MET A 412 9.17 34.21 -12.05
C MET A 412 8.85 32.73 -12.29
N ILE A 413 9.08 31.90 -11.27
CA ILE A 413 8.70 30.49 -11.28
C ILE A 413 7.79 30.20 -10.08
N GLY A 414 6.65 29.57 -10.35
CA GLY A 414 5.63 29.45 -9.30
C GLY A 414 6.16 28.85 -8.02
N GLU A 415 6.82 27.70 -8.12
CA GLU A 415 7.44 27.04 -6.97
C GLU A 415 8.61 26.20 -7.48
N ILE A 416 9.55 25.89 -6.59
CA ILE A 416 10.57 24.89 -6.89
C ILE A 416 10.30 23.66 -6.05
N ARG A 417 9.90 22.56 -6.70
CA ARG A 417 9.60 21.32 -5.99
C ARG A 417 10.79 20.38 -5.80
N ASP A 418 11.95 20.65 -6.39
CA ASP A 418 13.01 19.65 -6.38
C ASP A 418 14.34 20.32 -6.69
N PHE A 419 15.40 19.50 -6.72
CA PHE A 419 16.72 20.03 -7.03
C PHE A 419 16.80 20.52 -8.48
N GLU A 420 16.20 19.77 -9.42
CA GLU A 420 16.33 20.08 -10.84
C GLU A 420 15.97 21.53 -11.13
N THR A 421 14.79 21.97 -10.65
CA THR A 421 14.44 23.38 -10.79
C THR A 421 15.30 24.27 -9.90
N ALA A 422 15.64 23.79 -8.70
CA ALA A 422 16.42 24.59 -7.77
C ALA A 422 17.78 24.98 -8.33
N GLU A 423 18.48 24.02 -8.93
CA GLU A 423 19.81 24.31 -9.46
C GLU A 423 19.73 25.31 -10.60
N ILE A 424 18.81 25.08 -11.54
CA ILE A 424 18.63 25.99 -12.66
C ILE A 424 18.29 27.39 -12.17
N ALA A 425 17.37 27.49 -11.20
CA ALA A 425 16.92 28.78 -10.71
C ALA A 425 18.01 29.54 -10.00
N ILE A 426 18.82 28.86 -9.18
CA ILE A 426 19.91 29.52 -8.48
C ILE A 426 20.99 29.97 -9.46
N LYS A 427 21.23 29.18 -10.51
CA LYS A 427 22.18 29.59 -11.54
C LYS A 427 21.68 30.81 -12.29
N ALA A 428 20.37 30.92 -12.50
CA ALA A 428 19.81 32.13 -13.08
C ALA A 428 20.04 33.35 -12.20
N ALA A 429 19.92 33.18 -10.87
CA ALA A 429 20.16 34.27 -9.94
C ALA A 429 21.58 34.82 -10.08
N LEU A 430 22.57 33.92 -10.15
CA LEU A 430 23.96 34.35 -10.22
C LEU A 430 24.30 34.95 -11.59
N THR A 431 23.50 34.65 -12.61
CA THR A 431 23.69 35.15 -13.96
C THR A 431 23.47 36.66 -14.06
N GLY A 432 22.96 37.31 -13.03
CA GLY A 432 22.45 38.67 -13.16
C GLY A 432 20.95 38.84 -13.28
N HIS A 433 20.14 37.81 -13.02
CA HIS A 433 18.69 37.94 -13.10
C HIS A 433 18.05 37.90 -11.71
N LEU A 434 16.98 38.67 -11.57
CA LEU A 434 16.15 38.61 -10.36
C LEU A 434 15.08 37.56 -10.60
N VAL A 435 15.03 36.57 -9.72
CA VAL A 435 14.15 35.42 -9.86
C VAL A 435 13.22 35.35 -8.65
N LEU A 436 11.93 35.22 -8.91
CA LEU A 436 10.91 35.19 -7.86
C LEU A 436 10.35 33.78 -7.81
N SER A 437 10.24 33.23 -6.59
CA SER A 437 9.69 31.89 -6.45
C SER A 437 9.14 31.71 -5.04
N THR A 438 8.62 30.52 -4.79
CA THR A 438 8.09 30.15 -3.50
C THR A 438 8.62 28.78 -3.09
N LEU A 439 8.55 28.53 -1.80
CA LEU A 439 8.83 27.23 -1.21
C LEU A 439 7.81 26.95 -0.13
N HIS A 440 7.62 25.68 0.16
CA HIS A 440 6.64 25.30 1.16
C HIS A 440 7.42 24.95 2.41
N THR A 441 7.27 25.77 3.46
CA THR A 441 7.95 25.50 4.72
C THR A 441 7.10 26.09 5.84
N ASN A 442 7.57 25.91 7.07
CA ASN A 442 6.89 26.51 8.21
C ASN A 442 7.16 28.00 8.40
N ASP A 443 8.35 28.49 8.06
CA ASP A 443 8.67 29.91 8.23
C ASP A 443 9.84 30.27 7.32
N ALA A 444 10.26 31.54 7.39
CA ALA A 444 11.35 32.00 6.54
C ALA A 444 12.70 31.35 6.86
N PRO A 445 13.20 31.32 8.10
CA PRO A 445 14.52 30.70 8.33
C PRO A 445 14.62 29.26 7.83
N ALA A 446 13.55 28.48 8.00
CA ALA A 446 13.57 27.08 7.59
C ALA A 446 13.71 26.93 6.08
N THR A 447 13.37 27.98 5.32
CA THR A 447 13.52 27.94 3.87
C THR A 447 14.98 27.78 3.48
N ILE A 448 15.88 28.45 4.21
CA ILE A 448 17.30 28.27 4.01
C ILE A 448 17.67 26.80 4.17
N ASN A 449 17.19 26.19 5.25
CA ASN A 449 17.54 24.80 5.51
C ASN A 449 16.86 23.87 4.52
N ARG A 450 15.70 24.25 4.00
CA ARG A 450 15.06 23.42 2.99
C ARG A 450 15.85 23.39 1.69
N LEU A 451 16.45 24.52 1.31
CA LEU A 451 17.30 24.55 0.12
C LEU A 451 18.52 23.66 0.30
N LEU A 452 19.15 23.72 1.47
CA LEU A 452 20.33 22.89 1.73
C LEU A 452 19.98 21.41 1.73
N ASN A 453 18.84 21.05 2.33
CA ASN A 453 18.39 19.66 2.33
C ASN A 453 18.06 19.17 0.93
N MET A 454 17.66 20.08 0.03
CA MET A 454 17.51 19.71 -1.37
C MET A 454 18.82 19.40 -2.05
N GLY A 455 19.95 19.71 -1.41
CA GLY A 455 21.27 19.49 -1.98
C GLY A 455 21.99 20.72 -2.50
N VAL A 456 21.41 21.91 -2.39
CA VAL A 456 22.13 23.12 -2.77
C VAL A 456 23.22 23.40 -1.76
N GLU A 457 24.45 23.61 -2.24
CA GLU A 457 25.57 23.88 -1.36
C GLU A 457 25.43 25.23 -0.64
N PRO A 458 25.90 25.31 0.61
CA PRO A 458 25.68 26.53 1.42
C PRO A 458 26.16 27.84 0.79
N PHE A 459 27.28 27.84 0.07
CA PHE A 459 27.79 29.11 -0.46
C PHE A 459 26.79 29.77 -1.41
N LEU A 460 26.13 28.98 -2.26
CA LEU A 460 25.14 29.53 -3.16
C LEU A 460 23.90 30.00 -2.41
N VAL A 461 23.49 29.28 -1.35
CA VAL A 461 22.32 29.68 -0.59
C VAL A 461 22.55 31.04 0.06
N ALA A 462 23.78 31.31 0.51
CA ALA A 462 24.11 32.62 1.05
C ALA A 462 24.24 33.66 -0.06
N SER A 463 24.95 33.31 -1.13
CA SER A 463 25.33 34.30 -2.12
C SER A 463 24.19 34.71 -3.06
N ALA A 464 23.39 33.75 -3.52
CA ALA A 464 22.47 34.02 -4.61
C ALA A 464 21.09 34.54 -4.22
N VAL A 465 20.73 34.58 -2.94
CA VAL A 465 19.38 34.97 -2.53
C VAL A 465 19.44 36.35 -1.87
N ASN A 466 18.60 37.29 -2.33
CA ASN A 466 18.51 38.59 -1.64
C ASN A 466 17.73 38.56 -0.33
N LEU A 467 16.55 37.91 -0.31
CA LEU A 467 15.67 37.98 0.86
C LEU A 467 14.75 36.75 0.88
N ILE A 468 14.20 36.47 2.06
CA ILE A 468 13.16 35.45 2.21
C ILE A 468 12.03 35.99 3.09
N THR A 469 10.79 35.85 2.63
CA THR A 469 9.61 36.17 3.42
C THR A 469 8.75 34.92 3.60
N ALA A 470 8.05 34.85 4.75
CA ALA A 470 6.95 33.92 4.97
C ALA A 470 5.70 34.70 5.35
N GLN A 471 4.54 34.18 4.97
CA GLN A 471 3.29 34.88 5.25
C GLN A 471 2.16 33.89 5.44
N ARG A 472 1.19 34.26 6.28
CA ARG A 472 -0.08 33.53 6.39
C ARG A 472 -1.23 34.53 6.57
N LEU A 473 -2.44 33.99 6.69
CA LEU A 473 -3.64 34.81 6.69
C LEU A 473 -4.47 34.54 7.95
N ALA A 474 -4.95 35.62 8.57
CA ALA A 474 -5.89 35.56 9.67
C ALA A 474 -7.11 36.38 9.29
N ARG A 475 -8.27 36.04 9.85
CA ARG A 475 -9.49 36.75 9.49
C ARG A 475 -9.54 38.13 10.16
N ARG A 476 -10.24 39.05 9.52
CA ARG A 476 -10.32 40.44 9.96
C ARG A 476 -11.64 40.68 10.69
N VAL A 477 -11.54 41.38 11.82
CA VAL A 477 -12.68 41.78 12.64
C VAL A 477 -13.62 42.76 11.91
N CYS A 478 -14.91 42.72 12.28
CA CYS A 478 -15.94 43.53 11.63
C CYS A 478 -15.74 45.03 11.81
N SER A 479 -16.07 45.78 10.73
CA SER A 479 -16.00 47.24 10.75
C SER A 479 -17.05 47.85 11.69
N GLU A 480 -18.17 47.17 11.88
CA GLU A 480 -19.29 47.64 12.69
C GLU A 480 -19.25 47.07 14.11
N CYS A 481 -19.40 45.76 14.28
CA CYS A 481 -19.79 45.13 15.53
C CYS A 481 -18.60 44.85 16.46
N LYS A 482 -17.38 45.17 16.04
CA LYS A 482 -16.21 44.89 16.84
C LYS A 482 -16.31 45.52 18.22
N GLN A 483 -15.97 44.75 19.25
CA GLN A 483 -15.93 45.22 20.63
C GLN A 483 -14.77 44.61 21.41
N PRO A 484 -14.27 45.32 22.42
CA PRO A 484 -13.15 44.80 23.21
C PRO A 484 -13.47 43.50 23.93
N GLU A 485 -12.49 42.59 23.91
CA GLU A 485 -12.49 41.32 24.64
C GLU A 485 -11.42 41.36 25.71
N GLU A 486 -11.70 40.79 26.88
CA GLU A 486 -10.74 40.81 27.99
C GLU A 486 -9.93 39.51 27.97
N ILE A 487 -8.63 39.66 27.69
CA ILE A 487 -7.61 38.62 27.70
C ILE A 487 -6.75 38.77 28.95
N PRO A 488 -6.62 37.76 29.81
CA PRO A 488 -5.80 37.92 31.01
C PRO A 488 -4.33 38.16 30.63
N ILE A 489 -3.73 39.15 31.31
CA ILE A 489 -2.38 39.59 30.92
C ILE A 489 -1.34 38.50 31.09
N GLN A 490 -1.54 37.55 32.01
CA GLN A 490 -0.51 36.53 32.18
C GLN A 490 -0.56 35.47 31.08
N ALA A 491 -1.75 35.13 30.61
CA ALA A 491 -1.84 34.21 29.48
C ALA A 491 -1.30 34.85 28.20
N LEU A 492 -1.60 36.13 27.99
CA LEU A 492 -1.09 36.84 26.83
C LEU A 492 0.43 37.07 26.95
N ILE A 493 0.93 37.39 28.15
CA ILE A 493 2.37 37.61 28.31
C ILE A 493 3.18 36.33 28.06
N ASP A 494 2.68 35.18 28.53
CA ASP A 494 3.48 33.96 28.46
C ASP A 494 3.77 33.56 27.01
N ALA A 495 2.78 33.74 26.14
CA ALA A 495 2.91 33.49 24.70
C ALA A 495 2.81 34.79 23.91
N GLY A 496 1.64 35.43 23.90
CA GLY A 496 1.40 36.56 23.02
C GLY A 496 2.46 37.65 23.06
N VAL A 497 2.88 38.11 24.23
CA VAL A 497 3.80 39.26 24.22
C VAL A 497 4.78 39.15 25.37
N SER A 498 5.95 39.78 25.19
CA SER A 498 6.90 39.93 26.28
C SER A 498 6.31 40.90 27.30
N PRO A 499 6.73 40.83 28.57
CA PRO A 499 6.00 41.57 29.61
C PRO A 499 6.38 43.05 29.65
N ASP A 500 6.19 43.72 28.52
CA ASP A 500 6.22 45.17 28.42
C ASP A 500 5.07 45.63 27.53
N GLU A 501 4.31 46.62 28.01
CA GLU A 501 3.18 47.23 27.31
C GLU A 501 1.96 46.33 27.26
N GLY A 502 2.11 45.08 27.72
CA GLY A 502 1.01 44.14 27.68
C GLY A 502 -0.26 44.61 28.34
N PRO A 503 -0.17 45.29 29.50
CA PRO A 503 -1.38 45.88 30.09
C PRO A 503 -2.15 46.79 29.14
N SER A 504 -1.46 47.51 28.26
CA SER A 504 -2.08 48.46 27.35
C SER A 504 -2.89 47.81 26.23
N TYR A 505 -2.70 46.52 25.98
CA TYR A 505 -3.29 45.88 24.81
C TYR A 505 -4.82 45.90 24.84
N VAL A 506 -5.41 46.22 23.69
CA VAL A 506 -6.85 46.17 23.48
C VAL A 506 -7.17 45.06 22.48
N CYS A 507 -7.84 44.01 22.95
CA CYS A 507 -8.18 42.84 22.16
C CYS A 507 -9.63 42.89 21.72
N TYR A 508 -9.89 42.58 20.45
CA TYR A 508 -11.22 42.66 19.88
C TYR A 508 -11.76 41.27 19.56
N LYS A 509 -13.08 41.16 19.68
CA LYS A 509 -13.87 40.06 19.16
C LYS A 509 -15.16 40.68 18.63
N GLY A 510 -15.63 40.26 17.46
CA GLY A 510 -16.90 40.80 17.00
C GLY A 510 -18.06 40.08 17.65
N THR A 511 -19.14 40.83 17.89
CA THR A 511 -20.37 40.22 18.38
C THR A 511 -21.17 39.57 17.26
N GLY A 512 -20.90 39.95 16.03
CA GLY A 512 -21.67 39.59 14.86
C GLY A 512 -22.69 40.64 14.53
N CYS A 513 -23.02 40.76 13.26
CA CYS A 513 -24.05 41.70 12.82
C CYS A 513 -24.54 41.30 11.44
N VAL A 514 -25.48 42.09 10.91
CA VAL A 514 -25.96 41.82 9.56
C VAL A 514 -24.84 41.98 8.53
N LYS A 515 -23.88 42.86 8.78
CA LYS A 515 -22.78 43.02 7.84
C LYS A 515 -21.96 41.73 7.72
N CYS A 516 -21.73 41.05 8.85
CA CYS A 516 -20.95 39.82 8.87
C CYS A 516 -21.78 38.55 8.75
N ASN A 517 -23.10 38.66 8.64
CA ASN A 517 -23.96 37.47 8.72
C ASN A 517 -23.67 36.69 10.00
N ASN A 518 -23.41 37.48 11.05
CA ASN A 518 -23.15 37.03 12.42
C ASN A 518 -21.92 36.13 12.54
N THR A 519 -20.96 36.26 11.63
CA THR A 519 -19.70 35.55 11.82
C THR A 519 -18.71 36.27 12.72
N GLY A 520 -18.92 37.53 13.04
CA GLY A 520 -17.91 38.28 13.76
C GLY A 520 -16.68 38.69 12.98
N TYR A 521 -16.53 38.29 11.72
CA TYR A 521 -15.34 38.61 10.95
C TYR A 521 -15.69 38.94 9.51
N LYS A 522 -15.03 39.96 8.95
CA LYS A 522 -15.17 40.30 7.54
C LYS A 522 -13.79 40.52 6.95
N GLY A 523 -13.44 39.74 5.92
CA GLY A 523 -12.17 39.82 5.25
C GLY A 523 -11.03 39.24 6.07
N ARG A 524 -9.83 39.17 5.49
CA ARG A 524 -8.66 38.64 6.17
C ARG A 524 -7.44 39.49 5.83
N VAL A 525 -6.36 39.33 6.61
CA VAL A 525 -5.12 40.07 6.40
C VAL A 525 -3.92 39.16 6.63
N GLY A 526 -2.82 39.49 5.96
CA GLY A 526 -1.61 38.72 6.11
C GLY A 526 -0.80 39.08 7.34
N PHE A 527 -0.15 38.06 7.90
CA PHE A 527 0.91 38.19 8.91
C PHE A 527 2.25 37.86 8.24
N TYR A 528 3.14 38.84 8.17
CA TYR A 528 4.35 38.73 7.37
C TYR A 528 5.61 38.76 8.23
N GLN A 529 6.55 37.86 7.92
CA GLN A 529 7.94 38.00 8.35
C GLN A 529 8.81 38.13 7.10
N VAL A 530 9.45 39.28 6.94
CA VAL A 530 10.27 39.61 5.77
C VAL A 530 11.72 39.70 6.24
N MET A 531 12.56 38.77 5.78
CA MET A 531 13.93 38.61 6.28
C MET A 531 14.99 38.72 5.19
N PRO A 532 15.46 39.94 4.90
CA PRO A 532 16.71 40.09 4.15
C PRO A 532 17.88 39.51 4.94
N MET A 533 18.94 39.18 4.21
CA MET A 533 20.10 38.55 4.81
C MET A 533 21.22 39.54 5.12
N LEU A 534 21.46 39.68 6.41
CA LEU A 534 22.58 40.35 7.01
C LEU A 534 23.83 39.47 6.90
N GLU A 535 24.99 40.10 6.95
CA GLU A 535 26.22 39.34 6.91
C GLU A 535 26.26 38.28 8.02
N GLU A 536 25.76 38.61 9.22
CA GLU A 536 25.78 37.64 10.32
C GLU A 536 25.01 36.37 9.97
N ILE A 537 23.85 36.48 9.32
CA ILE A 537 23.14 35.27 8.94
C ILE A 537 23.87 34.56 7.80
N ARG A 538 24.43 35.32 6.86
CA ARG A 538 25.23 34.74 5.79
C ARG A 538 26.42 33.98 6.37
N GLU A 539 27.07 34.54 7.40
CA GLU A 539 28.20 33.85 8.02
C GLU A 539 27.77 32.55 8.68
N LEU A 540 26.58 32.52 9.29
CA LEU A 540 26.13 31.28 9.92
C LEU A 540 25.85 30.19 8.89
N ILE A 541 25.31 30.57 7.72
CA ILE A 541 25.14 29.62 6.64
C ILE A 541 26.48 29.03 6.24
N LEU A 542 27.50 29.88 6.07
CA LEU A 542 28.80 29.39 5.68
C LEU A 542 29.45 28.55 6.79
N ASN A 543 29.04 28.74 8.04
CA ASN A 543 29.59 27.97 9.16
C ASN A 543 28.78 26.72 9.52
N GLY A 544 27.70 26.43 8.81
CA GLY A 544 26.96 25.22 9.07
C GLY A 544 25.93 25.28 10.18
N ALA A 545 25.41 26.47 10.47
CA ALA A 545 24.47 26.64 11.58
C ALA A 545 23.18 25.89 11.33
N ASN A 546 22.52 25.46 12.41
CA ASN A 546 21.28 24.71 12.25
C ASN A 546 20.11 25.70 12.24
N THR A 547 18.88 25.19 12.11
CA THR A 547 17.73 26.07 11.89
C THR A 547 17.47 26.96 13.09
N ALA A 548 17.60 26.40 14.30
CA ALA A 548 17.40 27.17 15.51
C ALA A 548 18.39 28.32 15.61
N GLU A 549 19.65 28.06 15.24
CA GLU A 549 20.66 29.12 15.32
C GLU A 549 20.37 30.25 14.33
N ILE A 550 19.99 29.90 13.09
CA ILE A 550 19.57 30.92 12.14
C ILE A 550 18.32 31.63 12.64
N LYS A 551 17.40 30.89 13.27
CA LYS A 551 16.21 31.53 13.82
C LYS A 551 16.57 32.46 14.98
N ARG A 552 17.50 32.02 15.84
CA ARG A 552 17.94 32.86 16.96
C ARG A 552 18.48 34.20 16.45
N GLU A 553 19.41 34.17 15.50
CA GLU A 553 20.00 35.41 15.00
C GLU A 553 19.00 36.21 14.16
N SER A 554 18.18 35.53 13.36
CA SER A 554 17.14 36.24 12.61
C SER A 554 16.21 36.99 13.56
N MET A 555 15.82 36.35 14.66
CA MET A 555 15.02 37.01 15.69
C MET A 555 15.81 38.11 16.40
N ARG A 556 17.07 37.84 16.73
CA ARG A 556 17.89 38.81 17.45
C ARG A 556 18.07 40.11 16.66
N LEU A 557 17.98 40.01 15.34
CA LEU A 557 18.09 41.14 14.44
C LEU A 557 16.73 41.83 14.36
N GLY A 558 16.60 42.80 13.45
CA GLY A 558 15.40 43.60 13.33
C GLY A 558 14.19 42.76 12.93
N ILE A 559 14.38 41.51 12.52
CA ILE A 559 13.38 40.76 11.79
C ILE A 559 12.35 40.19 12.76
N LYS A 560 11.09 40.54 12.53
CA LYS A 560 9.94 40.15 13.35
C LYS A 560 9.41 38.78 12.94
N THR A 561 8.99 37.99 13.93
CA THR A 561 8.45 36.67 13.60
C THR A 561 7.03 36.85 13.06
N MET A 562 6.39 35.73 12.72
CA MET A 562 4.99 35.77 12.27
C MET A 562 4.06 36.04 13.43
N ARG A 563 4.39 35.53 14.61
CA ARG A 563 3.63 35.89 15.80
C ARG A 563 3.75 37.38 16.07
N GLN A 564 4.95 37.92 15.94
CA GLN A 564 5.17 39.35 16.21
C GLN A 564 4.36 40.22 15.25
N SER A 565 4.30 39.85 13.97
CA SER A 565 3.46 40.58 13.03
C SER A 565 1.99 40.49 13.40
N GLY A 566 1.51 39.31 13.79
CA GLY A 566 0.13 39.19 14.23
C GLY A 566 -0.17 40.00 15.48
N LEU A 567 0.76 39.99 16.44
CA LEU A 567 0.52 40.69 17.69
C LEU A 567 0.51 42.20 17.54
N THR A 568 1.32 42.73 16.61
CA THR A 568 1.24 44.16 16.29
C THR A 568 -0.09 44.47 15.60
N LYS A 569 -0.54 43.57 14.71
CA LYS A 569 -1.83 43.72 14.08
C LYS A 569 -2.97 43.65 15.08
N LEU A 570 -2.82 42.83 16.13
CA LEU A 570 -3.85 42.77 17.17
C LEU A 570 -3.94 44.09 17.92
N LYS A 571 -2.79 44.71 18.23
CA LYS A 571 -2.79 45.98 18.95
C LYS A 571 -3.53 47.06 18.15
N GLU A 572 -3.42 47.02 16.82
CA GLU A 572 -4.15 47.98 16.00
C GLU A 572 -5.64 47.69 15.93
N GLY A 573 -6.10 46.55 16.45
CA GLY A 573 -7.50 46.22 16.38
C GLY A 573 -7.95 45.64 15.06
N VAL A 574 -7.03 45.25 14.20
CA VAL A 574 -7.37 44.74 12.87
C VAL A 574 -7.87 43.29 12.97
N THR A 575 -7.28 42.50 13.86
CA THR A 575 -7.57 41.08 13.98
C THR A 575 -7.79 40.75 15.45
N SER A 576 -8.35 39.57 15.71
CA SER A 576 -8.68 39.25 17.08
C SER A 576 -7.54 38.48 17.74
N PHE A 577 -7.74 38.12 19.00
CA PHE A 577 -6.76 37.29 19.70
C PHE A 577 -6.87 35.83 19.28
N GLU A 578 -8.11 35.35 19.10
CA GLU A 578 -8.33 33.98 18.66
C GLU A 578 -7.72 33.70 17.30
N GLU A 579 -7.70 34.69 16.41
CA GLU A 579 -7.09 34.47 15.09
C GLU A 579 -5.58 34.44 15.16
N VAL A 580 -4.98 35.31 15.98
CA VAL A 580 -3.52 35.30 16.12
C VAL A 580 -3.05 33.97 16.71
N LEU A 581 -3.81 33.43 17.66
CA LEU A 581 -3.45 32.14 18.26
C LEU A 581 -3.73 30.97 17.33
N ARG A 582 -4.73 31.09 16.45
CA ARG A 582 -5.12 29.96 15.62
C ARG A 582 -4.17 29.72 14.44
N VAL A 583 -3.57 30.76 13.88
CA VAL A 583 -2.89 30.62 12.58
C VAL A 583 -1.39 30.44 12.79
N THR A 584 -0.71 31.46 13.29
CA THR A 584 0.72 31.37 13.54
C THR A 584 1.02 30.46 14.74
N VAL A 585 2.22 29.90 14.74
CA VAL A 585 2.72 29.04 15.81
C VAL A 585 3.64 29.85 16.74
N ALA A 586 3.53 29.57 18.04
CA ALA A 586 4.34 30.24 19.04
C ALA A 586 5.82 30.04 18.73
N ASP A 587 6.61 31.11 18.92
CA ASP A 587 8.02 31.08 18.55
C ASP A 587 8.88 30.33 19.56
N ASP A 588 8.57 30.45 20.85
CA ASP A 588 9.28 29.67 21.87
C ASP A 588 8.46 29.61 23.17
N ALA B 201 -39.09 -23.90 -0.17
CA ALA B 201 -38.19 -24.83 0.51
C ALA B 201 -37.74 -24.29 1.86
N PRO B 202 -37.40 -25.19 2.79
CA PRO B 202 -36.83 -24.76 4.07
C PRO B 202 -35.52 -24.00 3.93
N VAL B 203 -34.85 -24.14 2.78
CA VAL B 203 -33.54 -23.52 2.55
C VAL B 203 -33.56 -22.04 2.86
N VAL B 204 -34.68 -21.37 2.59
CA VAL B 204 -34.78 -19.95 2.92
C VAL B 204 -34.52 -19.74 4.41
N LYS B 205 -35.17 -20.53 5.27
CA LYS B 205 -34.93 -20.43 6.71
C LYS B 205 -33.45 -20.60 7.05
N LEU B 206 -32.75 -21.54 6.40
CA LEU B 206 -31.37 -21.82 6.82
C LEU B 206 -30.43 -20.67 6.49
N VAL B 207 -30.56 -20.08 5.30
CA VAL B 207 -29.62 -19.01 4.93
C VAL B 207 -29.76 -17.83 5.88
N ASN B 208 -30.99 -17.52 6.25
CA ASN B 208 -31.21 -16.44 7.21
C ASN B 208 -30.63 -16.80 8.57
N LEU B 209 -30.77 -18.06 8.99
CA LEU B 209 -30.22 -18.49 10.27
C LEU B 209 -28.71 -18.34 10.33
N ILE B 210 -28.01 -18.69 9.24
CA ILE B 210 -26.55 -18.54 9.21
C ILE B 210 -26.18 -17.06 9.35
N LEU B 211 -26.92 -16.19 8.68
CA LEU B 211 -26.64 -14.77 8.78
C LEU B 211 -27.11 -14.20 10.12
N THR B 212 -28.21 -14.74 10.67
CA THR B 212 -28.72 -14.23 11.94
C THR B 212 -27.83 -14.64 13.10
N ASP B 213 -27.38 -15.89 13.12
CA ASP B 213 -26.52 -16.34 14.21
C ASP B 213 -25.14 -15.73 14.13
N ALA B 214 -24.66 -15.42 12.93
CA ALA B 214 -23.39 -14.72 12.80
C ALA B 214 -23.46 -13.34 13.44
N ILE B 215 -24.61 -12.65 13.32
CA ILE B 215 -24.76 -11.34 13.95
C ILE B 215 -24.90 -11.51 15.46
N LYS B 216 -25.64 -12.54 15.88
CA LYS B 216 -25.76 -12.83 17.30
C LYS B 216 -24.39 -13.16 17.91
N ARG B 217 -23.53 -13.82 17.15
CA ARG B 217 -22.25 -14.27 17.66
C ARG B 217 -21.15 -13.20 17.55
N LYS B 218 -21.48 -12.05 16.98
CA LYS B 218 -20.51 -10.98 16.78
C LYS B 218 -19.30 -11.48 15.98
N ALA B 219 -19.56 -12.35 15.00
CA ALA B 219 -18.53 -12.78 14.06
C ALA B 219 -18.27 -11.66 13.06
N SER B 220 -17.00 -11.43 12.72
CA SER B 220 -16.74 -10.46 11.66
C SER B 220 -16.81 -11.04 10.25
N ASP B 221 -16.84 -12.37 10.09
CA ASP B 221 -16.84 -13.00 8.76
C ASP B 221 -17.64 -14.29 8.80
N ILE B 222 -18.29 -14.59 7.68
CA ILE B 222 -19.02 -15.84 7.49
C ILE B 222 -18.39 -16.58 6.32
N HIS B 223 -18.14 -17.88 6.50
CA HIS B 223 -17.59 -18.73 5.45
C HIS B 223 -18.54 -19.89 5.21
N ILE B 224 -19.00 -20.07 3.97
CA ILE B 224 -19.68 -21.31 3.63
C ILE B 224 -18.76 -22.02 2.65
N GLU B 225 -18.17 -23.13 3.09
CA GLU B 225 -17.28 -23.94 2.26
C GLU B 225 -17.77 -25.34 1.93
N PRO B 226 -18.14 -25.66 0.69
CA PRO B 226 -18.29 -27.09 0.33
C PRO B 226 -16.95 -27.78 0.20
N TYR B 227 -16.91 -29.06 0.55
CA TYR B 227 -15.77 -29.92 0.21
C TYR B 227 -16.25 -31.20 -0.45
N GLU B 228 -15.31 -32.08 -0.81
CA GLU B 228 -15.70 -33.30 -1.50
C GLU B 228 -16.61 -34.18 -0.67
N ARG B 229 -16.15 -34.58 0.52
CA ARG B 229 -16.91 -35.35 1.49
C ARG B 229 -17.61 -34.55 2.58
N SER B 230 -17.52 -33.23 2.57
CA SER B 230 -18.01 -32.48 3.72
C SER B 230 -18.56 -31.14 3.30
N PHE B 231 -19.37 -30.56 4.19
CA PHE B 231 -19.93 -29.25 4.02
C PHE B 231 -19.88 -28.54 5.36
N ARG B 232 -19.41 -27.30 5.39
CA ARG B 232 -19.12 -26.65 6.64
C ARG B 232 -19.48 -25.17 6.57
N VAL B 233 -19.85 -24.61 7.72
CA VAL B 233 -20.01 -23.18 7.93
C VAL B 233 -19.03 -22.76 9.01
N ARG B 234 -18.31 -21.68 8.77
CA ARG B 234 -17.38 -21.16 9.75
C ARG B 234 -17.74 -19.72 10.06
N TYR B 235 -17.70 -19.36 11.34
CA TYR B 235 -17.73 -17.97 11.75
C TYR B 235 -16.32 -17.57 12.20
N ARG B 236 -15.87 -16.40 11.77
CA ARG B 236 -14.65 -15.80 12.30
C ARG B 236 -15.01 -14.91 13.47
N ILE B 237 -14.47 -15.24 14.65
CA ILE B 237 -14.80 -14.53 15.87
C ILE B 237 -13.50 -13.99 16.47
N ASP B 238 -13.43 -12.67 16.60
CA ASP B 238 -12.23 -11.98 17.11
C ASP B 238 -10.99 -12.36 16.30
N GLY B 239 -11.15 -12.45 14.97
CA GLY B 239 -10.04 -12.73 14.09
C GLY B 239 -9.70 -14.19 13.96
N VAL B 240 -10.40 -15.07 14.68
CA VAL B 240 -10.09 -16.50 14.72
C VAL B 240 -11.30 -17.29 14.23
N LEU B 241 -11.05 -18.34 13.44
CA LEU B 241 -12.12 -19.15 12.86
C LEU B 241 -12.57 -20.26 13.80
N TYR B 242 -13.89 -20.49 13.82
CA TYR B 242 -14.56 -21.55 14.55
C TYR B 242 -15.61 -22.12 13.61
N GLU B 243 -15.82 -23.44 13.60
CA GLU B 243 -16.85 -23.97 12.71
C GLU B 243 -18.15 -24.10 13.50
N VAL B 244 -19.14 -23.30 13.11
CA VAL B 244 -20.43 -23.30 13.79
C VAL B 244 -21.50 -24.20 13.15
N MET B 245 -21.22 -24.87 12.03
CA MET B 245 -22.33 -25.62 11.43
C MET B 245 -21.82 -26.77 10.55
N LYS B 246 -22.72 -27.73 10.31
CA LYS B 246 -22.53 -28.75 9.27
C LYS B 246 -23.83 -28.96 8.50
N PRO B 247 -24.23 -28.02 7.65
CA PRO B 247 -25.47 -28.22 6.85
C PRO B 247 -25.29 -29.36 5.86
N PRO B 248 -26.37 -30.00 5.42
CA PRO B 248 -26.22 -31.21 4.61
C PRO B 248 -25.72 -30.90 3.21
N LEU B 249 -24.86 -31.78 2.70
CA LEU B 249 -24.18 -31.54 1.42
C LEU B 249 -25.12 -31.60 0.23
N LYS B 250 -26.33 -32.14 0.39
CA LYS B 250 -27.31 -32.16 -0.70
C LYS B 250 -27.70 -30.74 -1.08
N LEU B 251 -27.79 -29.86 -0.09
CA LEU B 251 -28.30 -28.50 -0.22
C LEU B 251 -27.25 -27.50 -0.67
N LYS B 252 -25.99 -27.93 -0.86
CA LYS B 252 -24.92 -26.99 -1.15
C LYS B 252 -25.30 -26.06 -2.30
N ASN B 253 -25.91 -26.59 -3.36
CA ASN B 253 -26.33 -25.73 -4.45
C ASN B 253 -27.51 -24.83 -4.07
N ALA B 254 -28.41 -25.32 -3.21
CA ALA B 254 -29.55 -24.49 -2.82
C ALA B 254 -29.14 -23.37 -1.87
N ILE B 255 -28.30 -23.67 -0.88
CA ILE B 255 -27.93 -22.66 0.11
C ILE B 255 -27.17 -21.51 -0.54
N THR B 256 -26.15 -21.82 -1.35
CA THR B 256 -25.41 -20.79 -2.07
C THR B 256 -26.29 -20.04 -3.06
N SER B 257 -27.14 -20.75 -3.80
CA SER B 257 -27.89 -20.12 -4.90
C SER B 257 -28.76 -18.98 -4.41
N ARG B 258 -29.42 -19.14 -3.26
CA ARG B 258 -30.29 -18.07 -2.78
C ARG B 258 -29.47 -16.86 -2.36
N ILE B 259 -28.29 -17.09 -1.77
CA ILE B 259 -27.45 -15.97 -1.37
C ILE B 259 -27.07 -15.13 -2.59
N LYS B 260 -26.91 -15.75 -3.77
CA LYS B 260 -26.67 -14.95 -4.96
C LYS B 260 -27.93 -14.21 -5.37
N ILE B 261 -29.10 -14.80 -5.13
CA ILE B 261 -30.37 -14.11 -5.37
C ILE B 261 -30.46 -12.87 -4.50
N MET B 262 -30.10 -13.00 -3.22
CA MET B 262 -30.13 -11.85 -2.31
C MET B 262 -29.15 -10.78 -2.74
N ALA B 263 -28.05 -11.17 -3.37
CA ALA B 263 -27.02 -10.26 -3.83
C ALA B 263 -27.30 -9.66 -5.21
N GLU B 264 -28.40 -10.07 -5.86
CA GLU B 264 -28.70 -9.67 -7.23
C GLU B 264 -27.57 -10.13 -8.15
N LEU B 265 -27.17 -11.38 -7.99
CA LEU B 265 -26.06 -12.01 -8.68
C LEU B 265 -26.57 -13.19 -9.50
N ASP B 266 -25.81 -13.53 -10.54
CA ASP B 266 -26.26 -14.51 -11.52
C ASP B 266 -26.04 -15.91 -10.98
N ILE B 267 -27.12 -16.69 -10.90
CA ILE B 267 -27.03 -18.07 -10.47
C ILE B 267 -26.53 -18.97 -11.59
N ALA B 268 -26.63 -18.51 -12.84
CA ALA B 268 -26.40 -19.38 -13.98
C ALA B 268 -24.95 -19.84 -14.10
N GLU B 269 -23.96 -19.02 -13.71
CA GLU B 269 -22.55 -19.40 -13.83
C GLU B 269 -22.05 -19.94 -12.50
N ARG B 270 -21.72 -21.24 -12.46
CA ARG B 270 -20.91 -21.79 -11.38
C ARG B 270 -19.41 -21.86 -11.64
N ARG B 271 -18.92 -21.48 -12.81
CA ARG B 271 -17.48 -21.67 -13.04
C ARG B 271 -16.59 -20.48 -12.72
N LEU B 272 -17.15 -19.35 -12.29
CA LEU B 272 -16.38 -18.12 -12.15
C LEU B 272 -16.67 -17.44 -10.82
N PRO B 273 -15.71 -16.67 -10.29
CA PRO B 273 -15.99 -15.88 -9.08
C PRO B 273 -16.94 -14.73 -9.37
N GLN B 274 -17.80 -14.43 -8.41
CA GLN B 274 -18.71 -13.30 -8.47
C GLN B 274 -18.65 -12.54 -7.14
N ASP B 275 -18.86 -11.23 -7.20
CA ASP B 275 -18.79 -10.38 -6.02
C ASP B 275 -20.00 -9.45 -5.98
N GLY B 276 -20.35 -9.00 -4.78
CA GLY B 276 -21.47 -8.09 -4.63
C GLY B 276 -21.67 -7.69 -3.18
N ARG B 277 -22.79 -7.01 -2.93
CA ARG B 277 -23.21 -6.63 -1.59
C ARG B 277 -24.63 -7.13 -1.31
N ILE B 278 -24.95 -7.27 -0.02
CA ILE B 278 -26.30 -7.56 0.44
C ILE B 278 -26.59 -6.68 1.65
N LYS B 279 -27.73 -5.98 1.61
CA LYS B 279 -28.24 -5.23 2.76
C LYS B 279 -29.51 -5.89 3.27
N ILE B 280 -29.60 -6.08 4.58
CA ILE B 280 -30.77 -6.69 5.19
C ILE B 280 -31.27 -5.83 6.36
N MET B 288 -28.50 -5.25 8.91
CA MET B 288 -27.14 -5.71 8.64
C MET B 288 -26.90 -5.78 7.14
N ASP B 289 -25.70 -5.39 6.71
CA ASP B 289 -25.30 -5.44 5.31
C ASP B 289 -23.92 -6.11 5.17
N TYR B 290 -23.79 -6.92 4.11
CA TYR B 290 -22.62 -7.78 3.92
C TYR B 290 -22.01 -7.61 2.53
N ARG B 291 -20.68 -7.72 2.48
CA ARG B 291 -19.96 -7.89 1.21
C ARG B 291 -19.90 -9.37 0.89
N VAL B 292 -20.40 -9.77 -0.29
CA VAL B 292 -20.52 -11.18 -0.64
C VAL B 292 -19.44 -11.49 -1.68
N SER B 293 -18.68 -12.57 -1.42
CA SER B 293 -17.68 -13.05 -2.36
C SER B 293 -17.93 -14.52 -2.66
N VAL B 294 -17.99 -14.87 -3.93
CA VAL B 294 -18.24 -16.23 -4.39
C VAL B 294 -16.99 -16.74 -5.09
N LEU B 295 -16.64 -17.99 -4.84
CA LEU B 295 -15.51 -18.60 -5.51
C LEU B 295 -15.84 -20.01 -6.00
N PRO B 296 -15.29 -20.40 -7.17
CA PRO B 296 -15.54 -21.74 -7.78
C PRO B 296 -14.63 -22.87 -7.31
N THR B 297 -14.90 -23.38 -6.11
CA THR B 297 -14.12 -24.52 -5.62
C THR B 297 -14.44 -25.77 -6.45
N LEU B 298 -13.50 -26.71 -6.45
CA LEU B 298 -13.64 -27.94 -7.22
C LEU B 298 -14.97 -28.62 -6.95
N PHE B 299 -15.33 -28.75 -5.68
CA PHE B 299 -16.50 -29.49 -5.24
C PHE B 299 -17.74 -28.65 -5.05
N GLY B 300 -17.69 -27.36 -5.35
CA GLY B 300 -18.83 -26.48 -5.23
C GLY B 300 -18.36 -25.05 -5.08
N GLU B 301 -19.33 -24.16 -4.86
CA GLU B 301 -19.01 -22.75 -4.68
C GLU B 301 -18.89 -22.41 -3.20
N LYS B 302 -17.77 -21.78 -2.84
CA LYS B 302 -17.59 -21.27 -1.50
C LYS B 302 -18.03 -19.81 -1.45
N VAL B 303 -18.83 -19.47 -0.44
CA VAL B 303 -19.36 -18.12 -0.28
C VAL B 303 -18.82 -17.54 1.02
N VAL B 304 -18.33 -16.30 0.95
CA VAL B 304 -17.89 -15.56 2.11
C VAL B 304 -18.74 -14.32 2.23
N LEU B 305 -19.26 -14.07 3.43
CA LEU B 305 -20.00 -12.84 3.68
C LEU B 305 -19.24 -12.12 4.77
N ARG B 306 -18.82 -10.90 4.49
CA ARG B 306 -18.02 -10.13 5.43
C ARG B 306 -18.88 -8.96 5.87
N LEU B 307 -19.28 -8.93 7.13
CA LEU B 307 -20.23 -7.92 7.56
C LEU B 307 -19.53 -6.58 7.81
N LEU B 308 -20.22 -5.49 7.46
CA LEU B 308 -19.81 -4.15 7.85
C LEU B 308 -20.88 -3.63 8.81
N ASP B 309 -20.53 -3.44 10.07
CA ASP B 309 -21.50 -3.06 11.09
C ASP B 309 -21.48 -1.55 11.27
N LYS B 310 -22.58 -0.89 10.93
CA LYS B 310 -22.63 0.57 10.95
C LYS B 310 -22.71 1.08 12.39
N SER B 311 -23.52 0.43 13.23
CA SER B 311 -23.81 0.90 14.58
C SER B 311 -22.67 0.62 15.56
N ASN B 312 -21.91 -0.47 15.36
CA ASN B 312 -20.91 -0.82 16.35
C ASN B 312 -19.59 -0.06 16.18
N LEU B 313 -19.38 0.64 15.08
CA LEU B 313 -18.12 1.36 14.90
C LEU B 313 -17.92 2.31 16.08
N GLN B 314 -16.75 2.22 16.72
CA GLN B 314 -16.61 2.91 18.00
C GLN B 314 -16.67 4.42 17.84
N LEU B 315 -15.82 4.96 16.97
CA LEU B 315 -15.70 6.39 16.69
C LEU B 315 -15.32 7.18 17.94
N ASP B 316 -14.67 6.52 18.89
CA ASP B 316 -14.20 7.17 20.11
C ASP B 316 -12.77 6.71 20.32
N MET B 317 -11.85 7.65 20.44
CA MET B 317 -10.45 7.28 20.51
C MET B 317 -10.06 6.73 21.89
N THR B 318 -10.59 7.32 22.97
CA THR B 318 -10.32 6.78 24.30
C THR B 318 -10.77 5.33 24.42
N LYS B 319 -11.78 4.93 23.64
CA LYS B 319 -12.37 3.59 23.67
C LYS B 319 -11.56 2.55 22.90
N LEU B 320 -10.56 2.96 22.12
CA LEU B 320 -9.81 2.06 21.25
C LEU B 320 -8.63 1.39 21.93
N GLY B 321 -8.39 1.68 23.20
CA GLY B 321 -7.25 1.12 23.89
C GLY B 321 -5.97 1.89 23.71
N TYR B 322 -6.02 3.07 23.10
CA TYR B 322 -4.85 3.95 23.07
C TYR B 322 -4.37 4.24 24.48
N GLU B 323 -3.06 4.20 24.66
CA GLU B 323 -2.53 4.62 25.95
C GLU B 323 -2.63 6.14 26.03
N PRO B 324 -2.79 6.70 27.25
CA PRO B 324 -2.96 8.17 27.35
C PRO B 324 -1.90 9.00 26.66
N ASP B 325 -0.63 8.60 26.74
CA ASP B 325 0.40 9.37 26.05
C ASP B 325 0.29 9.20 24.54
N ALA B 326 0.07 7.96 24.09
CA ALA B 326 -0.07 7.70 22.66
C ALA B 326 -1.26 8.46 22.07
N LEU B 327 -2.37 8.48 22.80
CA LEU B 327 -3.54 9.20 22.34
C LEU B 327 -3.24 10.69 22.18
N HIS B 328 -2.48 11.26 23.13
CA HIS B 328 -2.13 12.67 23.09
C HIS B 328 -1.29 13.02 21.87
N TYR B 329 -0.32 12.16 21.52
CA TYR B 329 0.48 12.41 20.33
C TYR B 329 -0.37 12.33 19.08
N PHE B 330 -1.24 11.33 19.00
CA PHE B 330 -2.09 11.17 17.83
C PHE B 330 -3.03 12.36 17.69
N LYS B 331 -3.69 12.77 18.78
CA LYS B 331 -4.59 13.92 18.74
C LYS B 331 -3.86 15.20 18.34
N GLU B 332 -2.67 15.42 18.90
CA GLU B 332 -1.87 16.58 18.53
C GLU B 332 -1.44 16.50 17.06
N ALA B 333 -1.18 15.29 16.57
CA ALA B 333 -0.72 15.13 15.21
C ALA B 333 -1.82 15.45 14.20
N ILE B 334 -3.06 15.03 14.49
CA ILE B 334 -4.09 15.17 13.45
C ILE B 334 -4.59 16.60 13.32
N HIS B 335 -4.42 17.44 14.34
CA HIS B 335 -4.97 18.78 14.22
C HIS B 335 -3.95 19.78 13.70
N LYS B 336 -2.72 19.35 13.45
CA LYS B 336 -1.75 20.23 12.81
C LYS B 336 -2.05 20.35 11.32
N PRO B 337 -2.36 21.54 10.81
CA PRO B 337 -2.62 21.66 9.38
C PRO B 337 -1.32 21.49 8.62
N PHE B 338 -1.43 21.09 7.36
CA PHE B 338 -0.28 20.80 6.52
C PHE B 338 0.61 19.71 7.17
N GLY B 339 0.04 18.51 7.24
CA GLY B 339 0.86 17.37 7.63
C GLY B 339 0.30 16.04 7.16
N MET B 340 1.11 15.01 7.32
CA MET B 340 0.74 13.65 6.92
C MET B 340 0.64 12.75 8.14
N VAL B 341 -0.41 11.92 8.19
CA VAL B 341 -0.57 10.88 9.21
C VAL B 341 -0.62 9.52 8.52
N LEU B 342 0.30 8.63 8.89
CA LEU B 342 0.35 7.28 8.33
C LEU B 342 -0.04 6.30 9.43
N VAL B 343 -1.05 5.48 9.14
CA VAL B 343 -1.51 4.42 10.04
C VAL B 343 -1.13 3.08 9.43
N THR B 344 -0.30 2.31 10.14
CA THR B 344 0.27 1.12 9.53
C THR B 344 -0.12 -0.14 10.30
N GLY B 345 -0.18 -1.24 9.54
CA GLY B 345 -0.34 -2.56 10.06
C GLY B 345 -0.88 -3.46 8.96
N PRO B 346 -0.99 -4.76 9.24
CA PRO B 346 -1.57 -5.67 8.24
C PRO B 346 -3.06 -5.47 8.06
N THR B 347 -3.67 -6.26 7.18
CA THR B 347 -5.12 -6.20 7.01
C THR B 347 -5.83 -6.68 8.27
N GLY B 348 -6.88 -5.97 8.66
CA GLY B 348 -7.61 -6.36 9.84
C GLY B 348 -6.99 -5.91 11.15
N SER B 349 -6.03 -5.00 11.09
CA SER B 349 -5.36 -4.51 12.28
C SER B 349 -6.03 -3.28 12.87
N GLY B 350 -7.13 -2.82 12.28
CA GLY B 350 -7.84 -1.69 12.80
C GLY B 350 -7.45 -0.35 12.22
N LYS B 351 -6.77 -0.34 11.07
CA LYS B 351 -6.36 0.92 10.45
C LYS B 351 -7.58 1.76 10.10
N THR B 352 -8.55 1.14 9.45
CA THR B 352 -9.76 1.85 9.04
C THR B 352 -10.57 2.32 10.25
N VAL B 353 -10.72 1.46 11.27
CA VAL B 353 -11.41 1.88 12.49
C VAL B 353 -10.70 3.08 13.11
N SER B 354 -9.37 2.99 13.25
CA SER B 354 -8.62 4.10 13.83
C SER B 354 -8.72 5.36 12.99
N LEU B 355 -8.60 5.21 11.69
CA LEU B 355 -8.62 6.32 10.77
C LEU B 355 -10.01 6.97 10.68
N TYR B 356 -11.07 6.16 10.66
CA TYR B 356 -12.43 6.70 10.68
C TYR B 356 -12.70 7.50 11.95
N SER B 357 -12.15 7.05 13.08
CA SER B 357 -12.27 7.82 14.32
C SER B 357 -11.54 9.15 14.21
N ALA B 358 -10.41 9.17 13.51
CA ALA B 358 -9.69 10.42 13.28
C ALA B 358 -10.54 11.36 12.41
N LEU B 359 -11.10 10.83 11.32
CA LEU B 359 -12.03 11.62 10.52
C LEU B 359 -13.28 11.97 11.34
N GLY B 360 -13.76 11.04 12.16
CA GLY B 360 -14.87 11.38 13.02
C GLY B 360 -14.55 12.48 14.02
N GLU B 361 -13.33 12.46 14.58
CA GLU B 361 -12.99 13.47 15.57
C GLU B 361 -12.99 14.86 14.98
N LEU B 362 -12.33 15.06 13.84
CA LEU B 362 -12.50 16.32 13.15
C LEU B 362 -13.43 16.04 11.98
N ASN B 363 -14.62 16.58 12.08
CA ASN B 363 -15.52 16.81 10.98
C ASN B 363 -16.16 18.14 11.34
N LYS B 364 -16.30 19.05 10.39
CA LYS B 364 -17.01 20.26 10.74
C LYS B 364 -17.66 20.84 9.51
N THR B 365 -18.69 21.66 9.72
CA THR B 365 -19.24 22.43 8.61
C THR B 365 -18.17 23.36 8.04
N THR B 366 -17.16 23.70 8.85
CA THR B 366 -16.13 24.66 8.48
C THR B 366 -15.03 24.08 7.58
N GLU B 367 -14.92 22.76 7.48
CA GLU B 367 -13.83 22.16 6.72
C GLU B 367 -14.35 21.24 5.63
N ASN B 368 -13.59 21.15 4.54
CA ASN B 368 -13.85 20.21 3.45
C ASN B 368 -12.96 18.99 3.60
N ILE B 369 -13.57 17.84 3.84
CA ILE B 369 -12.87 16.58 4.02
C ILE B 369 -13.16 15.74 2.79
N SER B 370 -12.12 15.18 2.19
CA SER B 370 -12.29 14.40 0.97
C SER B 370 -11.49 13.11 1.09
N THR B 371 -12.13 12.01 0.73
CA THR B 371 -11.59 10.67 0.92
C THR B 371 -11.74 9.83 -0.33
N ALA B 372 -10.66 9.13 -0.67
CA ALA B 372 -10.66 8.14 -1.74
C ALA B 372 -10.30 6.79 -1.12
N GLU B 373 -11.22 5.83 -1.19
CA GLU B 373 -11.04 4.53 -0.54
C GLU B 373 -11.34 3.40 -1.51
N ASP B 374 -10.64 2.27 -1.31
CA ASP B 374 -10.77 1.07 -2.14
C ASP B 374 -10.90 -0.22 -1.34
N PRO B 375 -12.12 -0.59 -0.92
CA PRO B 375 -13.41 0.08 -1.10
C PRO B 375 -13.74 1.06 0.03
N VAL B 376 -14.90 1.69 -0.06
CA VAL B 376 -15.40 2.47 1.07
C VAL B 376 -16.04 1.51 2.07
N GLU B 377 -15.54 1.53 3.30
CA GLU B 377 -16.07 0.64 4.33
C GLU B 377 -17.39 1.12 4.90
N PHE B 378 -17.55 2.43 5.11
CA PHE B 378 -18.73 2.98 5.75
C PHE B 378 -19.05 4.35 5.18
N ASN B 379 -20.35 4.66 5.08
CA ASN B 379 -20.79 5.94 4.55
C ASN B 379 -20.90 6.94 5.70
N PHE B 380 -20.23 8.09 5.54
CA PHE B 380 -20.32 9.20 6.50
C PHE B 380 -21.05 10.39 5.89
N ALA B 381 -22.09 10.84 6.57
CA ALA B 381 -22.64 12.17 6.29
C ALA B 381 -21.58 13.23 6.55
N GLY B 382 -21.49 14.19 5.65
CA GLY B 382 -20.59 15.31 5.80
C GLY B 382 -19.21 15.10 5.22
N ILE B 383 -18.81 13.85 4.99
CA ILE B 383 -17.54 13.51 4.36
C ILE B 383 -17.85 12.90 3.00
N ASN B 384 -17.21 13.42 1.96
CA ASN B 384 -17.46 12.99 0.59
C ASN B 384 -16.46 11.92 0.18
N GLN B 385 -16.96 10.70 -0.08
CA GLN B 385 -16.14 9.52 -0.28
C GLN B 385 -16.15 9.12 -1.75
N VAL B 386 -14.97 8.85 -2.29
CA VAL B 386 -14.82 8.38 -3.66
C VAL B 386 -14.42 6.91 -3.62
N GLN B 387 -15.18 6.06 -4.29
CA GLN B 387 -14.79 4.67 -4.45
C GLN B 387 -14.15 4.52 -5.82
N MET B 388 -12.98 3.91 -5.85
CA MET B 388 -12.19 3.85 -7.08
C MET B 388 -11.93 2.40 -7.47
N HIS B 389 -11.99 2.14 -8.77
CA HIS B 389 -11.66 0.85 -9.34
C HIS B 389 -10.76 1.09 -10.54
N GLU B 390 -9.64 0.39 -10.56
CA GLU B 390 -8.54 0.66 -11.47
C GLU B 390 -8.84 0.28 -12.91
N ASP B 391 -9.75 -0.66 -13.15
CA ASP B 391 -10.01 -1.11 -14.52
C ASP B 391 -10.44 0.04 -15.43
N ILE B 392 -11.09 1.08 -14.91
CA ILE B 392 -11.42 2.24 -15.74
C ILE B 392 -10.38 3.34 -15.69
N GLY B 393 -9.29 3.17 -14.95
CA GLY B 393 -8.30 4.23 -14.88
C GLY B 393 -8.31 5.10 -13.65
N LEU B 394 -9.09 4.80 -12.61
CA LEU B 394 -9.04 5.59 -11.39
C LEU B 394 -8.07 4.92 -10.44
N ASN B 395 -6.97 5.59 -10.14
CA ASN B 395 -6.01 5.08 -9.20
C ASN B 395 -6.01 6.04 -8.01
N PHE B 396 -5.18 5.75 -7.01
CA PHE B 396 -5.06 6.68 -5.89
C PHE B 396 -4.46 8.01 -6.32
N ALA B 397 -3.44 7.96 -7.19
CA ALA B 397 -2.79 9.18 -7.67
C ALA B 397 -3.76 10.07 -8.43
N ALA B 398 -4.52 9.48 -9.36
CA ALA B 398 -5.44 10.27 -10.17
C ALA B 398 -6.53 10.89 -9.32
N ALA B 399 -7.04 10.15 -8.34
CA ALA B 399 -8.03 10.74 -7.45
C ALA B 399 -7.41 11.82 -6.58
N LEU B 400 -6.18 11.59 -6.11
CA LEU B 400 -5.50 12.56 -5.27
C LEU B 400 -5.21 13.85 -6.04
N ARG B 401 -4.74 13.74 -7.29
CA ARG B 401 -4.52 14.95 -8.09
C ARG B 401 -5.83 15.70 -8.31
N SER B 402 -6.94 14.98 -8.48
CA SER B 402 -8.25 15.64 -8.55
C SER B 402 -8.57 16.36 -7.24
N PHE B 403 -8.26 15.74 -6.10
CA PHE B 403 -8.50 16.38 -4.80
C PHE B 403 -7.85 17.76 -4.70
N LEU B 404 -6.62 17.90 -5.21
CA LEU B 404 -5.91 19.18 -5.03
C LEU B 404 -6.57 20.34 -5.76
N ARG B 405 -7.38 20.06 -6.78
CA ARG B 405 -8.10 21.07 -7.53
C ARG B 405 -9.47 21.42 -6.95
N GLN B 406 -9.91 20.71 -5.92
CA GLN B 406 -11.18 20.93 -5.24
C GLN B 406 -11.10 21.85 -4.02
N ASP B 407 -9.94 22.41 -3.71
CA ASP B 407 -9.75 23.21 -2.48
C ASP B 407 -10.08 22.40 -1.24
N PRO B 408 -9.43 21.25 -1.07
CA PRO B 408 -9.65 20.44 0.12
C PRO B 408 -9.01 21.08 1.35
N ASP B 409 -9.50 20.61 2.50
CA ASP B 409 -8.84 20.78 3.78
C ASP B 409 -8.18 19.46 4.18
N ILE B 410 -8.99 18.43 4.44
CA ILE B 410 -8.51 17.14 4.89
C ILE B 410 -8.63 16.14 3.74
N ILE B 411 -7.57 15.34 3.54
CA ILE B 411 -7.52 14.33 2.49
C ILE B 411 -7.25 12.97 3.11
N MET B 412 -8.09 12.00 2.75
CA MET B 412 -7.98 10.61 3.15
C MET B 412 -7.75 9.68 1.96
N ILE B 413 -6.64 8.93 1.97
CA ILE B 413 -6.38 7.90 0.97
C ILE B 413 -6.02 6.58 1.64
N GLY B 414 -6.65 5.50 1.20
CA GLY B 414 -6.55 4.23 1.92
C GLY B 414 -5.14 3.71 2.12
N GLU B 415 -4.37 3.61 1.03
CA GLU B 415 -3.01 3.09 1.06
C GLU B 415 -2.25 3.76 -0.08
N ILE B 416 -0.92 3.80 0.03
CA ILE B 416 -0.08 4.09 -1.14
C ILE B 416 0.83 2.87 -1.36
N ARG B 417 0.63 2.16 -2.47
CA ARG B 417 1.62 1.19 -2.95
C ARG B 417 2.61 1.71 -3.99
N ASP B 418 2.50 2.96 -4.43
CA ASP B 418 3.24 3.35 -5.63
C ASP B 418 4.03 4.63 -5.37
N PHE B 419 5.13 4.82 -6.10
CA PHE B 419 5.85 6.08 -5.96
C PHE B 419 4.99 7.22 -6.46
N GLU B 420 4.26 6.97 -7.56
CA GLU B 420 3.43 8.00 -8.18
C GLU B 420 2.43 8.56 -7.17
N THR B 421 1.70 7.65 -6.50
CA THR B 421 0.78 8.09 -5.45
C THR B 421 1.52 8.68 -4.26
N ALA B 422 2.67 8.10 -3.89
CA ALA B 422 3.42 8.59 -2.76
C ALA B 422 3.88 10.03 -2.97
N GLU B 423 4.37 10.34 -4.18
CA GLU B 423 4.87 11.68 -4.46
C GLU B 423 3.76 12.72 -4.39
N ILE B 424 2.61 12.42 -5.00
CA ILE B 424 1.47 13.33 -4.95
C ILE B 424 1.04 13.56 -3.51
N ALA B 425 0.97 12.48 -2.72
CA ALA B 425 0.48 12.58 -1.34
C ALA B 425 1.43 13.39 -0.47
N ILE B 426 2.73 13.19 -0.63
CA ILE B 426 3.69 13.97 0.14
C ILE B 426 3.66 15.42 -0.33
N LYS B 427 3.44 15.64 -1.63
CA LYS B 427 3.27 17.01 -2.13
C LYS B 427 1.99 17.63 -1.58
N ALA B 428 0.95 16.84 -1.40
CA ALA B 428 -0.28 17.35 -0.78
C ALA B 428 -0.03 17.75 0.67
N ALA B 429 0.85 17.06 1.38
CA ALA B 429 1.18 17.48 2.74
C ALA B 429 1.85 18.85 2.77
N LEU B 430 2.85 19.07 1.91
CA LEU B 430 3.62 20.31 1.93
C LEU B 430 2.82 21.50 1.42
N THR B 431 1.78 21.24 0.62
CA THR B 431 0.91 22.27 0.08
C THR B 431 0.07 22.97 1.14
N GLY B 432 0.04 22.50 2.39
CA GLY B 432 -0.97 22.94 3.33
C GLY B 432 -2.20 22.11 3.64
N HIS B 433 -2.27 20.84 3.25
CA HIS B 433 -3.42 20.05 3.66
C HIS B 433 -2.97 18.90 4.56
N LEU B 434 -3.87 18.47 5.43
CA LEU B 434 -3.69 17.27 6.24
C LEU B 434 -4.13 16.05 5.45
N VAL B 435 -3.21 15.09 5.28
CA VAL B 435 -3.44 13.91 4.47
C VAL B 435 -3.26 12.67 5.36
N LEU B 436 -4.25 11.77 5.31
CA LEU B 436 -4.23 10.53 6.07
C LEU B 436 -4.07 9.37 5.11
N SER B 437 -3.21 8.40 5.45
CA SER B 437 -3.03 7.24 4.60
C SER B 437 -2.52 6.07 5.44
N THR B 438 -2.26 4.94 4.77
CA THR B 438 -1.75 3.74 5.42
C THR B 438 -0.58 3.16 4.63
N LEU B 439 0.20 2.32 5.31
CA LEU B 439 1.27 1.54 4.71
C LEU B 439 1.38 0.17 5.39
N HIS B 440 1.83 -0.82 4.64
CA HIS B 440 1.97 -2.20 5.09
C HIS B 440 3.44 -2.47 5.40
N THR B 441 3.77 -2.67 6.67
CA THR B 441 5.15 -2.75 7.11
C THR B 441 5.30 -3.61 8.35
N ASN B 442 6.55 -4.02 8.59
CA ASN B 442 6.88 -4.85 9.74
C ASN B 442 6.79 -4.07 11.04
N ASP B 443 7.14 -2.78 11.04
CA ASP B 443 7.07 -2.00 12.26
C ASP B 443 6.75 -0.56 11.89
N ALA B 444 6.65 0.32 12.91
CA ALA B 444 6.48 1.74 12.64
C ALA B 444 7.69 2.39 11.97
N PRO B 445 8.92 2.24 12.50
CA PRO B 445 10.09 2.85 11.83
C PRO B 445 10.28 2.44 10.38
N ALA B 446 10.02 1.17 10.05
CA ALA B 446 10.34 0.67 8.72
C ALA B 446 9.56 1.39 7.62
N THR B 447 8.44 2.03 7.96
CA THR B 447 7.74 2.83 6.98
C THR B 447 8.59 4.00 6.50
N ILE B 448 9.36 4.59 7.41
CA ILE B 448 10.30 5.66 7.05
C ILE B 448 11.28 5.18 6.00
N ASN B 449 11.91 4.03 6.25
CA ASN B 449 12.94 3.55 5.33
C ASN B 449 12.32 3.02 4.06
N ARG B 450 11.08 2.52 4.12
CA ARG B 450 10.37 2.08 2.93
C ARG B 450 10.00 3.26 2.03
N LEU B 451 9.66 4.41 2.62
CA LEU B 451 9.40 5.60 1.82
C LEU B 451 10.64 5.98 1.02
N LEU B 452 11.81 5.88 1.65
CA LEU B 452 13.05 6.17 0.95
C LEU B 452 13.28 5.16 -0.17
N ASN B 453 12.99 3.88 0.10
CA ASN B 453 13.06 2.85 -0.93
C ASN B 453 12.04 3.08 -2.03
N MET B 454 10.93 3.75 -1.71
CA MET B 454 9.96 4.13 -2.74
C MET B 454 10.54 5.15 -3.71
N GLY B 455 11.67 5.77 -3.34
CA GLY B 455 12.28 6.83 -4.11
C GLY B 455 12.05 8.23 -3.57
N VAL B 456 11.35 8.36 -2.44
CA VAL B 456 11.10 9.66 -1.83
C VAL B 456 12.38 10.21 -1.23
N GLU B 457 12.67 11.47 -1.53
CA GLU B 457 13.88 12.12 -1.03
C GLU B 457 13.82 12.25 0.49
N PRO B 458 14.95 12.05 1.19
CA PRO B 458 14.90 12.11 2.66
C PRO B 458 14.33 13.40 3.20
N PHE B 459 14.63 14.55 2.60
CA PHE B 459 14.17 15.81 3.16
C PHE B 459 12.64 15.89 3.16
N LEU B 460 12.00 15.33 2.14
CA LEU B 460 10.54 15.29 2.11
C LEU B 460 9.98 14.38 3.22
N VAL B 461 10.54 13.17 3.36
CA VAL B 461 10.07 12.26 4.40
C VAL B 461 10.17 12.89 5.78
N ALA B 462 11.29 13.54 6.07
CA ALA B 462 11.48 14.11 7.38
C ALA B 462 10.58 15.32 7.59
N SER B 463 10.58 16.24 6.63
CA SER B 463 9.88 17.49 6.86
C SER B 463 8.36 17.36 6.72
N ALA B 464 7.88 16.62 5.71
CA ALA B 464 6.46 16.75 5.39
C ALA B 464 5.49 15.81 6.11
N VAL B 465 5.94 14.81 6.88
CA VAL B 465 5.02 13.87 7.53
C VAL B 465 5.02 14.12 9.05
N ASN B 466 3.84 14.35 9.64
CA ASN B 466 3.80 14.52 11.09
C ASN B 466 3.89 13.22 11.89
N LEU B 467 3.20 12.14 11.47
CA LEU B 467 3.12 11.02 12.39
C LEU B 467 3.03 9.70 11.64
N ILE B 468 3.58 8.65 12.27
CA ILE B 468 3.43 7.27 11.84
C ILE B 468 2.98 6.45 13.04
N THR B 469 1.94 5.65 12.86
CA THR B 469 1.52 4.70 13.87
C THR B 469 1.64 3.28 13.36
N ALA B 470 1.92 2.35 14.28
CA ALA B 470 1.76 0.93 14.03
C ALA B 470 0.81 0.34 15.07
N GLN B 471 -0.07 -0.54 14.61
CA GLN B 471 -1.06 -1.16 15.47
C GLN B 471 -1.34 -2.57 14.99
N ARG B 472 -1.60 -3.46 15.95
CA ARG B 472 -2.06 -4.80 15.65
C ARG B 472 -3.07 -5.19 16.72
N LEU B 473 -3.86 -6.22 16.47
CA LEU B 473 -5.02 -6.51 17.30
C LEU B 473 -4.83 -7.84 18.02
N ALA B 474 -5.10 -7.84 19.32
CA ALA B 474 -5.13 -9.03 20.15
C ALA B 474 -6.49 -9.14 20.82
N ARG B 475 -6.86 -10.37 21.17
CA ARG B 475 -8.15 -10.59 21.79
C ARG B 475 -8.11 -10.16 23.25
N ARG B 476 -9.26 -9.78 23.78
CA ARG B 476 -9.37 -9.37 25.17
C ARG B 476 -9.63 -10.58 26.07
N VAL B 477 -8.99 -10.59 27.23
CA VAL B 477 -9.32 -11.58 28.24
C VAL B 477 -10.74 -11.37 28.71
N CYS B 478 -11.46 -12.46 28.98
CA CYS B 478 -12.85 -12.37 29.42
C CYS B 478 -12.99 -11.76 30.79
N SER B 479 -13.96 -10.84 30.94
CA SER B 479 -14.18 -10.27 32.27
C SER B 479 -14.73 -11.30 33.26
N GLU B 480 -15.58 -12.24 32.82
CA GLU B 480 -16.13 -13.16 33.81
C GLU B 480 -15.15 -14.25 34.25
N CYS B 481 -14.47 -14.91 33.31
CA CYS B 481 -13.73 -16.11 33.66
C CYS B 481 -12.26 -15.91 33.99
N LYS B 482 -11.74 -14.68 33.90
CA LYS B 482 -10.29 -14.50 34.05
C LYS B 482 -9.83 -14.93 35.44
N GLN B 483 -8.67 -15.59 35.48
CA GLN B 483 -8.02 -15.95 36.73
C GLN B 483 -6.51 -15.82 36.57
N PRO B 484 -5.80 -15.49 37.65
CA PRO B 484 -4.34 -15.39 37.54
C PRO B 484 -3.72 -16.70 37.06
N GLU B 485 -2.75 -16.55 36.18
CA GLU B 485 -1.86 -17.61 35.76
C GLU B 485 -0.49 -17.22 36.28
N GLU B 486 0.32 -18.17 36.72
CA GLU B 486 1.63 -17.78 37.23
C GLU B 486 2.60 -18.10 36.11
N ILE B 487 3.13 -17.03 35.54
CA ILE B 487 4.13 -16.97 34.49
C ILE B 487 5.46 -16.57 35.12
N PRO B 488 6.51 -17.35 34.96
CA PRO B 488 7.78 -17.03 35.64
C PRO B 488 8.34 -15.69 35.18
N ILE B 489 8.82 -14.91 36.14
CA ILE B 489 9.27 -13.55 35.87
C ILE B 489 10.41 -13.59 34.87
N GLN B 490 11.13 -14.71 34.79
CA GLN B 490 12.24 -14.76 33.84
C GLN B 490 11.73 -14.92 32.41
N ALA B 491 10.62 -15.63 32.19
CA ALA B 491 10.02 -15.63 30.87
C ALA B 491 9.50 -14.24 30.51
N LEU B 492 8.95 -13.53 31.50
CA LEU B 492 8.48 -12.16 31.28
C LEU B 492 9.62 -11.23 30.91
N ILE B 493 10.73 -11.30 31.65
CA ILE B 493 11.86 -10.40 31.38
C ILE B 493 12.53 -10.73 30.05
N ASP B 494 12.57 -12.02 29.64
CA ASP B 494 13.35 -12.38 28.46
C ASP B 494 12.85 -11.65 27.22
N ALA B 495 11.54 -11.57 27.02
CA ALA B 495 11.00 -10.54 26.15
C ALA B 495 10.08 -9.72 27.03
N GLY B 496 10.43 -8.47 27.27
CA GLY B 496 9.63 -7.74 28.21
C GLY B 496 10.43 -6.68 28.93
N VAL B 497 9.83 -6.20 30.01
CA VAL B 497 10.42 -5.22 30.90
C VAL B 497 11.37 -5.91 31.85
N SER B 498 12.46 -5.21 32.21
CA SER B 498 13.35 -5.71 33.24
C SER B 498 12.59 -5.69 34.57
N PRO B 499 13.06 -6.45 35.58
CA PRO B 499 12.18 -6.64 36.74
C PRO B 499 12.17 -5.45 37.70
N ASP B 500 11.86 -4.27 37.15
CA ASP B 500 11.35 -3.20 38.01
C ASP B 500 9.89 -3.46 38.31
N GLU B 501 9.16 -3.87 37.28
CA GLU B 501 7.73 -4.20 37.31
C GLU B 501 7.42 -5.65 37.67
N GLY B 502 8.42 -6.53 37.74
CA GLY B 502 8.19 -7.94 37.87
C GLY B 502 7.28 -8.35 39.01
N PRO B 503 7.54 -7.85 40.22
CA PRO B 503 6.60 -8.12 41.32
C PRO B 503 5.18 -7.62 41.05
N SER B 504 5.03 -6.48 40.36
CA SER B 504 3.71 -5.91 40.15
C SER B 504 2.86 -6.67 39.14
N TYR B 505 3.45 -7.46 38.25
CA TYR B 505 2.67 -8.06 37.18
C TYR B 505 1.77 -9.19 37.70
N VAL B 506 0.48 -9.11 37.35
CA VAL B 506 -0.49 -10.18 37.52
C VAL B 506 -1.02 -10.54 36.13
N CYS B 507 -0.74 -11.76 35.67
CA CYS B 507 -1.16 -12.18 34.33
C CYS B 507 -2.42 -13.04 34.44
N TYR B 508 -3.41 -12.73 33.61
CA TYR B 508 -4.70 -13.39 33.64
C TYR B 508 -4.94 -14.23 32.37
N LYS B 509 -5.65 -15.34 32.54
CA LYS B 509 -6.20 -16.13 31.44
C LYS B 509 -7.60 -16.57 31.81
N GLY B 510 -8.52 -16.56 30.86
CA GLY B 510 -9.84 -17.09 31.14
C GLY B 510 -9.90 -18.60 31.03
N THR B 511 -10.74 -19.20 31.88
CA THR B 511 -11.00 -20.63 31.79
C THR B 511 -12.05 -20.97 30.74
N GLY B 512 -12.79 -19.98 30.28
CA GLY B 512 -13.93 -20.09 29.40
C GLY B 512 -15.23 -20.15 30.18
N CYS B 513 -16.30 -19.67 29.56
CA CYS B 513 -17.62 -19.71 30.16
C CYS B 513 -18.65 -19.57 29.04
N VAL B 514 -19.93 -19.54 29.43
CA VAL B 514 -20.98 -19.36 28.45
C VAL B 514 -20.84 -18.02 27.75
N LYS B 515 -20.28 -17.02 28.45
CA LYS B 515 -20.04 -15.72 27.83
C LYS B 515 -19.01 -15.82 26.70
N CYS B 516 -18.01 -16.68 26.87
CA CYS B 516 -16.92 -16.80 25.90
C CYS B 516 -17.17 -17.80 24.79
N ASN B 517 -18.27 -18.55 24.82
CA ASN B 517 -18.43 -19.72 23.97
C ASN B 517 -17.21 -20.64 24.15
N ASN B 518 -16.72 -20.66 25.39
CA ASN B 518 -15.61 -21.47 25.87
C ASN B 518 -14.28 -21.15 25.17
N THR B 519 -14.11 -19.92 24.64
CA THR B 519 -12.79 -19.57 24.13
C THR B 519 -11.84 -18.95 25.14
N GLY B 520 -12.31 -18.60 26.33
CA GLY B 520 -11.46 -17.85 27.24
C GLY B 520 -11.22 -16.39 26.87
N TYR B 521 -11.77 -15.91 25.74
CA TYR B 521 -11.56 -14.54 25.30
C TYR B 521 -12.85 -13.96 24.75
N LYS B 522 -13.12 -12.70 25.09
CA LYS B 522 -14.25 -11.96 24.52
C LYS B 522 -13.78 -10.57 24.12
N GLY B 523 -14.00 -10.19 22.86
CA GLY B 523 -13.59 -8.88 22.40
C GLY B 523 -12.14 -8.80 22.00
N ARG B 524 -11.76 -7.62 21.50
CA ARG B 524 -10.42 -7.36 21.02
C ARG B 524 -9.93 -6.02 21.55
N VAL B 525 -8.62 -5.83 21.56
CA VAL B 525 -8.02 -4.57 21.99
C VAL B 525 -6.84 -4.28 21.09
N GLY B 526 -6.61 -2.98 20.85
CA GLY B 526 -5.47 -2.60 20.06
C GLY B 526 -4.20 -2.52 20.88
N PHE B 527 -3.09 -2.80 20.22
CA PHE B 527 -1.74 -2.50 20.70
C PHE B 527 -1.21 -1.41 19.78
N TYR B 528 -0.96 -0.22 20.31
CA TYR B 528 -0.59 0.90 19.46
C TYR B 528 0.84 1.34 19.76
N GLN B 529 1.60 1.56 18.70
CA GLN B 529 2.86 2.29 18.70
C GLN B 529 2.64 3.55 17.88
N VAL B 530 2.75 4.71 18.51
CA VAL B 530 2.52 5.99 17.85
C VAL B 530 3.83 6.73 17.77
N MET B 531 4.31 6.96 16.56
CA MET B 531 5.56 7.69 16.48
C MET B 531 5.28 9.04 15.82
N PRO B 532 5.35 10.12 16.60
CA PRO B 532 5.36 11.47 16.04
C PRO B 532 6.71 11.69 15.41
N MET B 533 6.82 12.68 14.53
CA MET B 533 8.14 12.85 13.97
C MET B 533 8.81 13.90 14.85
N LEU B 534 9.83 13.44 15.56
CA LEU B 534 10.76 14.21 16.36
C LEU B 534 11.81 14.91 15.53
N GLU B 535 12.31 16.01 16.10
CA GLU B 535 13.41 16.73 15.48
C GLU B 535 14.59 15.78 15.30
N GLU B 536 14.83 14.92 16.30
CA GLU B 536 15.89 13.92 16.25
C GLU B 536 15.63 12.85 15.19
N ILE B 537 14.38 12.46 15.00
CA ILE B 537 14.07 11.48 13.96
C ILE B 537 14.32 12.10 12.60
N ARG B 538 13.99 13.38 12.46
CA ARG B 538 14.28 14.09 11.21
C ARG B 538 15.78 14.08 10.92
N GLU B 539 16.60 14.32 11.93
CA GLU B 539 18.05 14.30 11.72
C GLU B 539 18.55 12.91 11.33
N LEU B 540 17.97 11.86 11.90
CA LEU B 540 18.41 10.52 11.54
C LEU B 540 17.99 10.16 10.12
N ILE B 541 16.79 10.59 9.71
CA ILE B 541 16.39 10.45 8.32
C ILE B 541 17.35 11.18 7.39
N LEU B 542 17.69 12.42 7.74
CA LEU B 542 18.57 13.21 6.89
C LEU B 542 19.98 12.65 6.82
N ASN B 543 20.40 11.87 7.83
CA ASN B 543 21.74 11.30 7.89
C ASN B 543 21.85 9.91 7.29
N GLY B 544 20.78 9.33 6.80
CA GLY B 544 20.86 8.01 6.22
C GLY B 544 20.86 6.92 7.26
N ALA B 545 20.25 7.17 8.41
CA ALA B 545 20.25 6.25 9.54
C ALA B 545 19.47 4.99 9.19
N ASN B 546 19.84 3.88 9.81
CA ASN B 546 19.17 2.64 9.47
C ASN B 546 17.98 2.42 10.40
N THR B 547 17.28 1.30 10.18
CA THR B 547 16.03 1.08 10.91
C THR B 547 16.28 0.83 12.39
N ALA B 548 17.34 0.09 12.70
CA ALA B 548 17.63 -0.25 14.10
C ALA B 548 17.94 1.01 14.90
N GLU B 549 18.68 1.94 14.31
CA GLU B 549 18.98 3.20 15.00
C GLU B 549 17.72 4.04 15.18
N ILE B 550 16.84 4.06 14.18
CA ILE B 550 15.60 4.83 14.29
C ILE B 550 14.72 4.32 15.42
N LYS B 551 14.60 3.00 15.55
CA LYS B 551 13.85 2.46 16.69
C LYS B 551 14.61 2.69 17.99
N ARG B 552 15.94 2.63 17.93
CA ARG B 552 16.77 2.83 19.11
C ARG B 552 16.48 4.18 19.75
N GLU B 553 16.52 5.25 18.94
CA GLU B 553 16.25 6.58 19.48
C GLU B 553 14.79 6.73 19.89
N SER B 554 13.87 6.17 19.11
CA SER B 554 12.46 6.28 19.46
C SER B 554 12.17 5.67 20.83
N MET B 555 12.72 4.48 21.10
CA MET B 555 12.56 3.89 22.43
C MET B 555 13.29 4.72 23.47
N ARG B 556 14.52 5.15 23.16
CA ARG B 556 15.31 5.94 24.09
C ARG B 556 14.60 7.24 24.47
N LEU B 557 13.83 7.81 23.55
CA LEU B 557 13.19 9.11 23.74
C LEU B 557 11.81 8.99 24.36
N GLY B 558 11.35 7.77 24.67
CA GLY B 558 10.13 7.59 25.42
C GLY B 558 8.88 7.15 24.69
N ILE B 559 8.90 6.99 23.37
CA ILE B 559 7.75 6.40 22.67
C ILE B 559 7.89 4.88 22.66
N LYS B 560 6.88 4.20 23.23
CA LYS B 560 6.86 2.75 23.42
C LYS B 560 6.68 1.99 22.10
N THR B 561 7.11 0.73 22.13
CA THR B 561 6.96 -0.17 21.00
C THR B 561 5.60 -0.89 21.12
N MET B 562 5.32 -1.78 20.15
CA MET B 562 4.07 -2.55 20.16
C MET B 562 4.09 -3.66 21.20
N ARG B 563 5.21 -4.39 21.27
CA ARG B 563 5.38 -5.40 22.32
C ARG B 563 5.33 -4.73 23.70
N GLN B 564 5.99 -3.58 23.83
CA GLN B 564 5.95 -2.85 25.09
C GLN B 564 4.54 -2.33 25.41
N SER B 565 3.83 -1.79 24.42
CA SER B 565 2.45 -1.35 24.65
C SER B 565 1.54 -2.52 24.96
N GLY B 566 1.69 -3.62 24.22
CA GLY B 566 0.91 -4.82 24.52
C GLY B 566 1.24 -5.37 25.89
N LEU B 567 2.53 -5.37 26.25
CA LEU B 567 2.95 -5.90 27.53
C LEU B 567 2.45 -5.06 28.70
N THR B 568 2.32 -3.74 28.49
CA THR B 568 1.69 -2.90 29.50
C THR B 568 0.21 -3.23 29.63
N LYS B 569 -0.46 -3.52 28.51
CA LYS B 569 -1.86 -3.93 28.58
C LYS B 569 -1.99 -5.26 29.32
N LEU B 570 -0.95 -6.10 29.30
CA LEU B 570 -0.97 -7.33 30.09
C LEU B 570 -0.96 -7.03 31.57
N LYS B 571 -0.14 -6.06 32.00
CA LYS B 571 -0.13 -5.66 33.40
C LYS B 571 -1.49 -5.15 33.85
N GLU B 572 -2.23 -4.48 32.97
CA GLU B 572 -3.56 -3.99 33.30
C GLU B 572 -4.60 -5.11 33.33
N GLY B 573 -4.23 -6.31 32.88
CA GLY B 573 -5.17 -7.42 32.86
C GLY B 573 -6.11 -7.43 31.68
N VAL B 574 -5.87 -6.60 30.67
CA VAL B 574 -6.77 -6.54 29.51
C VAL B 574 -6.55 -7.73 28.58
N THR B 575 -5.29 -8.15 28.42
CA THR B 575 -4.94 -9.19 27.47
C THR B 575 -4.03 -10.19 28.17
N SER B 576 -3.86 -11.36 27.56
CA SER B 576 -3.04 -12.35 28.24
C SER B 576 -1.60 -12.28 27.74
N PHE B 577 -0.76 -13.15 28.28
CA PHE B 577 0.62 -13.23 27.82
C PHE B 577 0.71 -13.97 26.50
N GLU B 578 -0.06 -15.07 26.37
CA GLU B 578 -0.04 -15.86 25.14
C GLU B 578 -0.48 -15.04 23.93
N GLU B 579 -1.37 -14.07 24.13
CA GLU B 579 -1.74 -13.20 23.03
C GLU B 579 -0.63 -12.23 22.69
N VAL B 580 0.10 -11.74 23.70
CA VAL B 580 1.21 -10.84 23.44
C VAL B 580 2.26 -11.51 22.56
N LEU B 581 2.59 -12.77 22.87
CA LEU B 581 3.60 -13.44 22.06
C LEU B 581 3.03 -13.83 20.69
N ARG B 582 1.72 -14.08 20.59
CA ARG B 582 1.15 -14.52 19.32
C ARG B 582 1.09 -13.40 18.29
N VAL B 583 0.88 -12.16 18.75
CA VAL B 583 0.53 -11.06 17.87
C VAL B 583 1.77 -10.23 17.58
N THR B 584 2.32 -9.57 18.59
CA THR B 584 3.48 -8.73 18.39
C THR B 584 4.72 -9.56 18.07
N VAL B 585 5.68 -8.90 17.41
CA VAL B 585 6.97 -9.47 17.02
C VAL B 585 8.00 -9.14 18.09
N ALA B 586 8.88 -10.09 18.38
CA ALA B 586 9.88 -9.90 19.41
C ALA B 586 10.80 -8.73 19.07
N ASP B 587 11.06 -7.89 20.07
CA ASP B 587 11.90 -6.71 19.90
C ASP B 587 13.35 -7.07 20.20
N ASP B 588 14.26 -6.53 19.39
CA ASP B 588 15.70 -6.67 19.59
C ASP B 588 16.13 -8.13 19.45
N ALA C 201 -18.57 -40.11 -35.14
CA ALA C 201 -17.22 -40.00 -34.60
C ALA C 201 -16.77 -41.30 -33.95
N PRO C 202 -16.63 -42.36 -34.75
CA PRO C 202 -16.11 -43.63 -34.21
C PRO C 202 -14.66 -43.56 -33.76
N VAL C 203 -13.87 -42.63 -34.30
CA VAL C 203 -12.49 -42.44 -33.87
C VAL C 203 -12.41 -41.96 -32.42
N VAL C 204 -13.47 -41.31 -31.95
CA VAL C 204 -13.49 -40.81 -30.57
C VAL C 204 -13.65 -41.97 -29.59
N LYS C 205 -14.59 -42.87 -29.87
CA LYS C 205 -14.75 -44.06 -29.04
C LYS C 205 -13.53 -44.98 -29.18
N LEU C 206 -12.89 -44.98 -30.35
CA LEU C 206 -11.68 -45.77 -30.53
C LEU C 206 -10.46 -45.11 -29.88
N VAL C 207 -10.39 -43.78 -29.88
CA VAL C 207 -9.31 -43.09 -29.19
C VAL C 207 -9.34 -43.41 -27.70
N ASN C 208 -10.53 -43.36 -27.10
CA ASN C 208 -10.67 -43.77 -25.71
C ASN C 208 -10.43 -45.26 -25.54
N LEU C 209 -10.80 -46.07 -26.55
CA LEU C 209 -10.59 -47.52 -26.46
C LEU C 209 -9.13 -47.87 -26.33
N ILE C 210 -8.24 -47.06 -26.90
CA ILE C 210 -6.80 -47.30 -26.77
C ILE C 210 -6.36 -47.06 -25.33
N LEU C 211 -6.82 -45.96 -24.73
CA LEU C 211 -6.45 -45.66 -23.34
C LEU C 211 -7.03 -46.68 -22.37
N THR C 212 -8.27 -47.13 -22.62
CA THR C 212 -8.87 -48.14 -21.74
C THR C 212 -8.16 -49.48 -21.89
N ASP C 213 -7.75 -49.84 -23.11
CA ASP C 213 -6.98 -51.05 -23.29
C ASP C 213 -5.65 -50.95 -22.56
N ALA C 214 -5.01 -49.78 -22.63
CA ALA C 214 -3.79 -49.54 -21.86
C ALA C 214 -4.03 -49.57 -20.36
N ILE C 215 -5.27 -49.32 -19.92
CA ILE C 215 -5.62 -49.48 -18.51
C ILE C 215 -5.69 -50.95 -18.13
N LYS C 216 -6.38 -51.75 -18.96
CA LYS C 216 -6.44 -53.19 -18.72
C LYS C 216 -5.05 -53.82 -18.83
N ARG C 217 -4.28 -53.41 -19.83
CA ARG C 217 -2.88 -53.77 -19.94
C ARG C 217 -2.07 -53.10 -18.83
N LYS C 218 -0.92 -53.70 -18.53
CA LYS C 218 -0.05 -53.22 -17.46
C LYS C 218 0.83 -52.06 -17.89
N ALA C 219 0.82 -51.72 -19.17
CA ALA C 219 1.73 -50.72 -19.72
C ALA C 219 1.60 -49.38 -18.99
N SER C 220 2.76 -48.79 -18.67
CA SER C 220 2.83 -47.42 -18.17
C SER C 220 2.97 -46.36 -19.26
N ASP C 221 3.16 -46.75 -20.52
CA ASP C 221 3.54 -45.81 -21.57
C ASP C 221 2.83 -46.12 -22.88
N ILE C 222 2.34 -45.08 -23.55
CA ILE C 222 1.61 -45.22 -24.82
C ILE C 222 2.19 -44.24 -25.85
N HIS C 223 2.33 -44.70 -27.10
CA HIS C 223 2.88 -43.89 -28.20
C HIS C 223 2.01 -44.07 -29.44
N ILE C 224 1.51 -42.96 -30.00
CA ILE C 224 0.71 -43.00 -31.23
C ILE C 224 1.52 -42.78 -32.52
N GLU C 225 2.85 -42.61 -32.45
CA GLU C 225 3.58 -41.77 -33.39
C GLU C 225 3.28 -42.13 -34.86
N PRO C 226 2.96 -41.15 -35.70
CA PRO C 226 2.68 -41.41 -37.11
C PRO C 226 3.92 -41.70 -37.94
N TYR C 227 3.70 -42.46 -39.00
CA TYR C 227 4.66 -42.65 -40.08
C TYR C 227 3.94 -42.49 -41.41
N GLU C 228 4.71 -42.24 -42.48
CA GLU C 228 4.10 -42.21 -43.80
C GLU C 228 3.81 -43.62 -44.32
N ARG C 229 4.71 -44.57 -44.02
CA ARG C 229 4.52 -45.93 -44.51
C ARG C 229 3.46 -46.70 -43.70
N SER C 230 3.44 -46.50 -42.38
CA SER C 230 2.56 -47.24 -41.49
C SER C 230 2.11 -46.32 -40.36
N PHE C 231 1.37 -46.88 -39.40
CA PHE C 231 0.97 -46.13 -38.21
C PHE C 231 1.20 -47.01 -36.99
N ARG C 232 1.95 -46.49 -36.02
CA ARG C 232 2.40 -47.25 -34.87
C ARG C 232 1.66 -46.76 -33.63
N VAL C 233 0.86 -47.63 -33.01
CA VAL C 233 0.33 -47.38 -31.67
C VAL C 233 0.89 -48.46 -30.76
N ARG C 234 1.63 -48.04 -29.75
CA ARG C 234 2.50 -48.90 -28.97
C ARG C 234 2.19 -48.76 -27.48
N TYR C 235 2.30 -49.86 -26.75
CA TYR C 235 2.27 -49.84 -25.29
C TYR C 235 3.57 -50.42 -24.75
N ARG C 236 4.03 -49.90 -23.62
CA ARG C 236 5.23 -50.40 -22.96
C ARG C 236 4.85 -51.05 -21.63
N ILE C 237 5.01 -52.37 -21.54
CA ILE C 237 4.64 -53.15 -20.37
C ILE C 237 5.91 -53.68 -19.73
N ASP C 238 6.10 -53.39 -18.45
CA ASP C 238 7.28 -53.86 -17.69
C ASP C 238 8.57 -53.33 -18.29
N GLY C 239 8.48 -52.18 -18.96
CA GLY C 239 9.61 -51.49 -19.55
C GLY C 239 9.91 -51.89 -20.97
N VAL C 240 9.42 -53.04 -21.41
CA VAL C 240 9.46 -53.46 -22.81
C VAL C 240 8.25 -52.91 -23.53
N LEU C 241 8.44 -52.48 -24.76
CA LEU C 241 7.39 -51.88 -25.57
C LEU C 241 6.95 -52.84 -26.67
N TYR C 242 5.65 -52.80 -26.98
CA TYR C 242 5.04 -53.66 -27.99
C TYR C 242 4.11 -52.85 -28.88
N GLU C 243 4.11 -53.16 -30.18
CA GLU C 243 3.15 -52.53 -31.07
C GLU C 243 1.80 -53.21 -30.93
N VAL C 244 0.76 -52.39 -30.76
CA VAL C 244 -0.61 -52.80 -30.50
C VAL C 244 -1.42 -52.68 -31.77
N MET C 245 -1.60 -51.44 -32.22
CA MET C 245 -2.60 -51.06 -33.20
C MET C 245 -1.93 -50.65 -34.51
N LYS C 246 -2.65 -50.88 -35.60
CA LYS C 246 -2.29 -50.35 -36.92
C LYS C 246 -3.53 -49.64 -37.46
N PRO C 247 -3.93 -48.55 -36.79
CA PRO C 247 -5.25 -47.96 -37.06
C PRO C 247 -5.23 -47.19 -38.36
N PRO C 248 -6.35 -46.56 -38.75
CA PRO C 248 -6.39 -45.90 -40.05
C PRO C 248 -5.37 -44.77 -40.16
N LEU C 249 -4.72 -44.69 -41.32
CA LEU C 249 -3.85 -43.57 -41.62
C LEU C 249 -4.63 -42.34 -42.09
N LYS C 250 -5.90 -42.52 -42.46
CA LYS C 250 -6.75 -41.41 -42.87
C LYS C 250 -7.24 -40.62 -41.66
N LEU C 251 -7.50 -41.30 -40.56
CA LEU C 251 -7.92 -40.67 -39.32
C LEU C 251 -6.74 -40.32 -38.43
N LYS C 252 -5.52 -40.59 -38.89
CA LYS C 252 -4.31 -40.30 -38.11
C LYS C 252 -4.26 -38.84 -37.69
N ASN C 253 -4.45 -37.92 -38.64
CA ASN C 253 -4.49 -36.50 -38.31
C ASN C 253 -5.70 -36.19 -37.43
N ALA C 254 -6.83 -36.83 -37.72
CA ALA C 254 -8.06 -36.56 -36.95
C ALA C 254 -7.90 -37.01 -35.50
N ILE C 255 -7.37 -38.22 -35.28
CA ILE C 255 -7.18 -38.73 -33.93
C ILE C 255 -6.16 -37.88 -33.17
N THR C 256 -4.98 -37.66 -33.78
CA THR C 256 -3.93 -36.90 -33.10
C THR C 256 -4.40 -35.51 -32.73
N SER C 257 -5.14 -34.85 -33.62
CA SER C 257 -5.70 -33.54 -33.29
C SER C 257 -6.72 -33.64 -32.16
N ARG C 258 -7.48 -34.73 -32.10
CA ARG C 258 -8.51 -34.88 -31.07
C ARG C 258 -7.88 -35.00 -29.69
N ILE C 259 -6.85 -35.86 -29.56
CA ILE C 259 -6.17 -36.01 -28.27
C ILE C 259 -5.53 -34.70 -27.83
N LYS C 260 -5.18 -33.83 -28.79
CA LYS C 260 -4.69 -32.51 -28.43
C LYS C 260 -5.78 -31.63 -27.84
N ILE C 261 -7.03 -31.84 -28.26
CA ILE C 261 -8.17 -31.11 -27.69
C ILE C 261 -8.37 -31.51 -26.24
N MET C 262 -8.09 -32.77 -25.90
CA MET C 262 -8.30 -33.25 -24.54
C MET C 262 -7.35 -32.57 -23.55
N ALA C 263 -6.17 -32.17 -24.00
CA ALA C 263 -5.09 -31.69 -23.17
C ALA C 263 -5.08 -30.17 -22.95
N GLU C 264 -6.04 -29.44 -23.53
CA GLU C 264 -6.02 -27.98 -23.61
C GLU C 264 -4.85 -27.49 -24.46
N LEU C 265 -4.38 -28.32 -25.40
CA LEU C 265 -3.31 -27.94 -26.30
C LEU C 265 -3.83 -27.07 -27.44
N ASP C 266 -2.99 -26.16 -27.90
CA ASP C 266 -3.38 -25.34 -29.04
C ASP C 266 -3.12 -26.17 -30.30
N ILE C 267 -4.18 -26.38 -31.09
CA ILE C 267 -4.03 -27.06 -32.38
C ILE C 267 -3.50 -26.12 -33.44
N ALA C 268 -3.60 -24.81 -33.23
CA ALA C 268 -3.23 -23.84 -34.26
C ALA C 268 -1.75 -23.92 -34.60
N GLU C 269 -0.90 -24.40 -33.70
CA GLU C 269 0.49 -24.65 -34.04
C GLU C 269 0.66 -26.16 -34.04
N ARG C 270 0.88 -26.76 -35.22
CA ARG C 270 1.39 -28.12 -35.30
C ARG C 270 2.90 -28.22 -35.45
N ARG C 271 3.62 -27.10 -35.54
CA ARG C 271 5.05 -27.18 -35.83
C ARG C 271 5.93 -27.21 -34.61
N LEU C 272 5.36 -27.17 -33.41
CA LEU C 272 6.17 -27.04 -32.22
C LEU C 272 5.70 -28.01 -31.16
N PRO C 273 6.60 -28.48 -30.29
CA PRO C 273 6.18 -29.41 -29.23
C PRO C 273 5.27 -28.72 -28.23
N GLN C 274 4.33 -29.50 -27.70
CA GLN C 274 3.37 -29.02 -26.70
C GLN C 274 3.21 -30.10 -25.65
N ASP C 275 3.27 -29.72 -24.37
CA ASP C 275 3.14 -30.67 -23.28
C ASP C 275 1.99 -30.28 -22.36
N GLY C 276 1.45 -31.27 -21.67
CA GLY C 276 0.28 -31.05 -20.83
C GLY C 276 -0.13 -32.31 -20.12
N ARG C 277 -1.37 -32.31 -19.63
CA ARG C 277 -1.91 -33.45 -18.91
C ARG C 277 -3.42 -33.49 -19.09
N ILE C 278 -4.01 -34.67 -18.84
CA ILE C 278 -5.45 -34.87 -18.95
C ILE C 278 -5.94 -35.72 -17.80
N LYS C 279 -7.24 -35.62 -17.53
CA LYS C 279 -7.94 -36.48 -16.57
C LYS C 279 -8.97 -37.34 -17.28
N ILE C 280 -9.16 -38.56 -16.78
CA ILE C 280 -10.16 -39.49 -17.31
C ILE C 280 -11.04 -40.01 -16.17
N LYS C 281 -12.31 -40.24 -16.47
CA LYS C 281 -13.26 -40.69 -15.46
C LYS C 281 -13.05 -42.18 -15.19
N LEU C 282 -12.82 -42.52 -13.93
CA LEU C 282 -12.66 -43.91 -13.51
C LEU C 282 -13.18 -44.06 -12.09
N GLY C 283 -13.67 -45.25 -11.77
CA GLY C 283 -14.19 -45.53 -10.45
C GLY C 283 -13.98 -46.96 -9.99
N ASP C 287 -10.52 -42.07 -10.09
CA ASP C 287 -10.10 -41.06 -11.05
C ASP C 287 -8.92 -41.56 -11.89
N MET C 288 -8.62 -40.84 -12.96
CA MET C 288 -7.51 -41.17 -13.87
C MET C 288 -6.84 -39.88 -14.31
N ASP C 289 -5.51 -39.91 -14.47
CA ASP C 289 -4.81 -38.77 -15.04
C ASP C 289 -3.63 -39.24 -15.88
N TYR C 290 -3.41 -38.54 -16.99
CA TYR C 290 -2.28 -38.77 -17.89
C TYR C 290 -1.53 -37.45 -18.12
N ARG C 291 -0.26 -37.57 -18.46
CA ARG C 291 0.55 -36.44 -18.94
C ARG C 291 0.92 -36.66 -20.40
N VAL C 292 0.63 -35.68 -21.26
CA VAL C 292 0.80 -35.80 -22.70
C VAL C 292 2.03 -35.03 -23.14
N SER C 293 2.80 -35.62 -24.05
CA SER C 293 3.93 -34.96 -24.69
C SER C 293 3.77 -35.07 -26.20
N VAL C 294 3.63 -33.93 -26.87
CA VAL C 294 3.41 -33.88 -28.32
C VAL C 294 4.67 -33.38 -29.00
N LEU C 295 5.09 -34.04 -30.06
CA LEU C 295 6.22 -33.57 -30.86
C LEU C 295 5.89 -33.55 -32.37
N PRO C 296 6.24 -32.47 -33.06
CA PRO C 296 6.07 -32.47 -34.52
C PRO C 296 6.96 -33.53 -35.15
N THR C 297 6.39 -34.27 -36.10
CA THR C 297 7.12 -35.24 -36.88
C THR C 297 7.08 -34.80 -38.35
N LEU C 298 8.09 -35.20 -39.12
CA LEU C 298 8.10 -34.86 -40.55
C LEU C 298 6.80 -35.28 -41.22
N PHE C 299 6.37 -36.52 -41.00
CA PHE C 299 5.13 -37.02 -41.58
C PHE C 299 3.91 -36.86 -40.68
N GLY C 300 4.04 -36.33 -39.49
CA GLY C 300 2.91 -36.34 -38.58
C GLY C 300 3.16 -35.60 -37.30
N GLU C 301 2.29 -35.83 -36.32
CA GLU C 301 2.51 -35.34 -34.96
C GLU C 301 2.44 -36.51 -34.00
N LYS C 302 3.55 -36.78 -33.33
CA LYS C 302 3.59 -37.84 -32.33
C LYS C 302 2.96 -37.36 -31.03
N VAL C 303 2.25 -38.25 -30.35
CA VAL C 303 1.69 -37.95 -29.04
C VAL C 303 2.03 -39.12 -28.13
N VAL C 304 2.63 -38.81 -26.99
CA VAL C 304 2.99 -39.80 -25.98
C VAL C 304 2.20 -39.47 -24.73
N LEU C 305 1.60 -40.49 -24.14
CA LEU C 305 0.89 -40.35 -22.87
C LEU C 305 1.61 -41.23 -21.86
N ARG C 306 1.98 -40.63 -20.72
CA ARG C 306 2.68 -41.34 -19.66
C ARG C 306 1.79 -41.27 -18.42
N LEU C 307 1.59 -42.41 -17.78
CA LEU C 307 0.68 -42.44 -16.66
C LEU C 307 1.27 -41.62 -15.53
N LEU C 308 0.39 -41.08 -14.70
CA LEU C 308 0.77 -40.40 -13.48
C LEU C 308 0.11 -41.13 -12.33
N ASP C 309 0.90 -41.64 -11.39
CA ASP C 309 0.34 -42.22 -10.17
C ASP C 309 0.40 -41.13 -9.12
N LYS C 310 -0.77 -40.67 -8.68
CA LYS C 310 -0.89 -39.67 -7.64
C LYS C 310 -0.95 -40.28 -6.25
N SER C 311 -1.04 -41.60 -6.13
CA SER C 311 -1.09 -42.19 -4.81
C SER C 311 0.33 -42.52 -4.37
N ASN C 312 0.44 -43.08 -3.15
CA ASN C 312 1.67 -43.59 -2.57
C ASN C 312 2.65 -42.48 -2.19
N LEU C 313 2.38 -41.23 -2.58
CA LEU C 313 3.19 -40.09 -2.20
C LEU C 313 2.53 -39.43 -1.00
N GLN C 314 3.19 -39.44 0.16
CA GLN C 314 2.53 -38.85 1.30
C GLN C 314 3.06 -37.45 1.60
N LEU C 315 2.49 -36.84 2.63
CA LEU C 315 2.88 -35.50 3.06
C LEU C 315 3.94 -35.43 4.16
N ASP C 316 4.47 -36.54 4.68
CA ASP C 316 5.18 -36.38 5.94
C ASP C 316 6.44 -35.55 5.69
N MET C 317 6.60 -34.50 6.49
CA MET C 317 7.66 -33.55 6.17
C MET C 317 9.01 -34.01 6.67
N THR C 318 9.04 -34.99 7.57
CA THR C 318 10.31 -35.46 8.11
C THR C 318 11.05 -36.34 7.09
N LYS C 319 10.30 -37.08 6.29
CA LYS C 319 10.87 -38.03 5.34
C LYS C 319 11.19 -37.42 3.99
N LEU C 320 10.84 -36.15 3.75
CA LEU C 320 11.10 -35.55 2.45
C LEU C 320 12.59 -35.38 2.17
N GLY C 321 13.41 -35.37 3.21
CA GLY C 321 14.85 -35.31 3.05
C GLY C 321 15.46 -33.94 3.20
N TYR C 322 14.70 -32.95 3.65
CA TYR C 322 15.30 -31.66 4.01
C TYR C 322 16.36 -31.85 5.07
N GLU C 323 17.54 -31.29 4.81
CA GLU C 323 18.61 -31.27 5.80
C GLU C 323 18.10 -30.62 7.09
N PRO C 324 18.51 -31.14 8.26
CA PRO C 324 17.92 -30.65 9.52
C PRO C 324 18.00 -29.14 9.71
N ASP C 325 19.13 -28.52 9.33
CA ASP C 325 19.22 -27.07 9.42
C ASP C 325 18.34 -26.41 8.37
N ALA C 326 18.23 -27.03 7.18
CA ALA C 326 17.35 -26.52 6.14
C ALA C 326 15.88 -26.63 6.54
N LEU C 327 15.48 -27.76 7.13
CA LEU C 327 14.09 -27.91 7.56
C LEU C 327 13.74 -26.89 8.63
N HIS C 328 14.70 -26.55 9.48
CA HIS C 328 14.50 -25.49 10.47
C HIS C 328 14.15 -24.17 9.79
N TYR C 329 14.90 -23.80 8.76
CA TYR C 329 14.59 -22.56 8.06
C TYR C 329 13.25 -22.63 7.32
N PHE C 330 12.98 -23.74 6.62
CA PHE C 330 11.74 -23.84 5.86
C PHE C 330 10.53 -23.83 6.78
N LYS C 331 10.55 -24.67 7.82
CA LYS C 331 9.42 -24.72 8.75
C LYS C 331 9.26 -23.41 9.51
N GLU C 332 10.36 -22.82 9.99
CA GLU C 332 10.25 -21.55 10.70
C GLU C 332 9.85 -20.41 9.78
N ALA C 333 10.15 -20.52 8.48
CA ALA C 333 9.73 -19.49 7.54
C ALA C 333 8.25 -19.61 7.20
N ILE C 334 7.74 -20.84 7.06
CA ILE C 334 6.37 -21.01 6.61
C ILE C 334 5.33 -20.67 7.66
N HIS C 335 5.70 -20.42 8.92
CA HIS C 335 4.74 -19.75 9.79
C HIS C 335 5.28 -18.33 9.95
N LYS C 336 4.58 -17.37 9.38
CA LYS C 336 4.47 -15.96 9.73
C LYS C 336 3.06 -15.50 9.44
N PRO C 337 2.56 -14.48 10.15
CA PRO C 337 1.46 -13.70 9.57
C PRO C 337 1.86 -12.89 8.33
N PHE C 338 3.14 -12.55 8.17
CA PHE C 338 3.61 -11.76 7.03
C PHE C 338 4.70 -12.50 6.27
N GLY C 339 4.49 -12.72 4.98
CA GLY C 339 5.58 -13.19 4.13
C GLY C 339 5.07 -13.89 2.89
N MET C 340 6.03 -14.28 2.06
CA MET C 340 5.80 -15.04 0.84
C MET C 340 6.91 -16.06 0.67
N VAL C 341 6.55 -17.26 0.21
CA VAL C 341 7.50 -18.36 0.05
C VAL C 341 7.51 -18.78 -1.40
N LEU C 342 8.69 -19.15 -1.90
CA LEU C 342 8.88 -19.55 -3.28
C LEU C 342 9.70 -20.83 -3.31
N VAL C 343 9.17 -21.86 -3.96
CA VAL C 343 9.86 -23.14 -4.10
C VAL C 343 10.19 -23.32 -5.57
N THR C 344 11.48 -23.29 -5.90
CA THR C 344 11.91 -23.29 -7.30
C THR C 344 12.54 -24.62 -7.69
N GLY C 345 12.20 -25.07 -8.90
CA GLY C 345 12.86 -26.19 -9.52
C GLY C 345 12.18 -26.61 -10.81
N PRO C 346 12.82 -27.50 -11.57
CA PRO C 346 12.22 -27.95 -12.83
C PRO C 346 10.98 -28.78 -12.60
N THR C 347 10.16 -28.89 -13.65
CA THR C 347 8.97 -29.73 -13.59
C THR C 347 9.34 -31.16 -13.22
N GLY C 348 8.60 -31.76 -12.29
CA GLY C 348 8.93 -33.08 -11.82
C GLY C 348 9.98 -33.10 -10.74
N SER C 349 10.22 -31.97 -10.08
CA SER C 349 11.18 -31.86 -8.99
C SER C 349 10.54 -32.12 -7.64
N GLY C 350 9.25 -32.43 -7.59
CA GLY C 350 8.59 -32.61 -6.32
C GLY C 350 8.27 -31.31 -5.61
N LYS C 351 8.17 -30.21 -6.36
CA LYS C 351 7.85 -28.92 -5.77
C LYS C 351 6.47 -28.95 -5.13
N THR C 352 5.49 -29.47 -5.88
CA THR C 352 4.13 -29.59 -5.37
C THR C 352 4.06 -30.45 -4.11
N VAL C 353 4.90 -31.49 -4.02
CA VAL C 353 4.89 -32.35 -2.84
C VAL C 353 5.46 -31.61 -1.63
N SER C 354 6.53 -30.85 -1.84
CA SER C 354 7.11 -30.07 -0.75
C SER C 354 6.11 -29.04 -0.23
N LEU C 355 5.43 -28.33 -1.13
CA LEU C 355 4.42 -27.36 -0.71
C LEU C 355 3.21 -28.02 -0.03
N TYR C 356 2.78 -29.19 -0.51
CA TYR C 356 1.74 -29.90 0.25
C TYR C 356 2.19 -30.25 1.65
N SER C 357 3.46 -30.63 1.80
CA SER C 357 3.95 -30.94 3.14
C SER C 357 3.87 -29.73 4.03
N ALA C 358 4.31 -28.57 3.53
CA ALA C 358 4.15 -27.33 4.27
C ALA C 358 2.67 -27.02 4.52
N LEU C 359 1.82 -27.29 3.52
CA LEU C 359 0.38 -27.05 3.70
C LEU C 359 -0.20 -27.99 4.74
N GLY C 360 0.07 -29.29 4.62
CA GLY C 360 -0.46 -30.24 5.58
C GLY C 360 -0.07 -29.91 7.01
N GLU C 361 1.13 -29.34 7.20
CA GLU C 361 1.50 -28.86 8.52
C GLU C 361 0.83 -27.53 8.87
N LEU C 362 0.60 -26.67 7.88
CA LEU C 362 -0.10 -25.41 8.15
C LEU C 362 -1.61 -25.55 8.25
N ASN C 363 -2.19 -26.63 7.74
CA ASN C 363 -3.65 -26.71 7.67
C ASN C 363 -4.21 -26.88 9.07
N LYS C 364 -5.15 -26.00 9.44
CA LYS C 364 -5.75 -26.06 10.75
C LYS C 364 -7.18 -25.51 10.65
N THR C 365 -8.01 -25.89 11.62
CA THR C 365 -9.39 -25.46 11.62
C THR C 365 -9.56 -23.99 12.00
N THR C 366 -8.51 -23.33 12.44
CA THR C 366 -8.60 -21.94 12.87
C THR C 366 -8.28 -20.93 11.78
N GLU C 367 -7.93 -21.39 10.57
CA GLU C 367 -7.47 -20.50 9.52
C GLU C 367 -8.15 -20.86 8.21
N ASN C 368 -8.20 -19.89 7.30
CA ASN C 368 -8.72 -20.13 5.97
C ASN C 368 -7.53 -20.25 5.04
N ILE C 369 -7.32 -21.46 4.52
CA ILE C 369 -6.19 -21.76 3.65
C ILE C 369 -6.75 -22.14 2.29
N SER C 370 -6.41 -21.38 1.27
CA SER C 370 -6.96 -21.62 -0.06
C SER C 370 -5.81 -21.74 -1.06
N THR C 371 -6.07 -22.49 -2.13
CA THR C 371 -5.06 -22.85 -3.11
C THR C 371 -5.66 -22.75 -4.49
N ALA C 372 -4.83 -22.33 -5.45
CA ALA C 372 -5.22 -22.32 -6.86
C ALA C 372 -4.12 -22.98 -7.66
N GLU C 373 -4.45 -24.08 -8.34
CA GLU C 373 -3.48 -24.77 -9.18
C GLU C 373 -4.19 -25.47 -10.33
N ASP C 374 -3.46 -25.67 -11.42
CA ASP C 374 -3.97 -26.20 -12.69
C ASP C 374 -3.15 -27.35 -13.32
N PRO C 375 -3.43 -28.61 -12.93
CA PRO C 375 -4.49 -29.12 -12.07
C PRO C 375 -4.12 -29.16 -10.59
N VAL C 376 -5.05 -29.64 -9.76
CA VAL C 376 -4.71 -29.98 -8.39
C VAL C 376 -4.12 -31.38 -8.41
N GLU C 377 -2.91 -31.52 -7.86
CA GLU C 377 -2.27 -32.84 -7.88
C GLU C 377 -2.99 -33.82 -6.97
N PHE C 378 -3.24 -33.41 -5.72
CA PHE C 378 -3.93 -34.19 -4.72
C PHE C 378 -5.14 -33.39 -4.23
N ASN C 379 -6.13 -34.09 -3.69
CA ASN C 379 -7.28 -33.46 -3.07
C ASN C 379 -7.11 -33.46 -1.56
N PHE C 380 -7.17 -32.28 -0.95
CA PHE C 380 -7.11 -32.12 0.50
C PHE C 380 -8.48 -31.80 1.06
N ALA C 381 -8.78 -32.39 2.21
CA ALA C 381 -10.02 -32.12 2.93
C ALA C 381 -9.81 -30.90 3.82
N GLY C 382 -10.62 -29.87 3.59
CA GLY C 382 -10.62 -28.68 4.40
C GLY C 382 -9.88 -27.51 3.78
N ILE C 383 -9.02 -27.77 2.82
CA ILE C 383 -8.34 -26.70 2.07
C ILE C 383 -9.22 -26.34 0.87
N ASN C 384 -9.33 -25.05 0.58
CA ASN C 384 -10.16 -24.63 -0.53
C ASN C 384 -9.33 -24.68 -1.80
N GLN C 385 -9.76 -25.47 -2.77
CA GLN C 385 -9.01 -25.69 -3.99
C GLN C 385 -9.81 -25.25 -5.20
N VAL C 386 -9.23 -24.37 -6.01
CA VAL C 386 -9.84 -23.90 -7.24
C VAL C 386 -8.93 -24.29 -8.39
N GLN C 387 -9.44 -25.15 -9.25
CA GLN C 387 -8.73 -25.57 -10.43
C GLN C 387 -9.18 -24.70 -11.59
N MET C 388 -8.23 -24.13 -12.31
CA MET C 388 -8.50 -23.10 -13.30
C MET C 388 -8.10 -23.59 -14.68
N HIS C 389 -8.99 -23.36 -15.65
CA HIS C 389 -8.67 -23.50 -17.06
C HIS C 389 -8.96 -22.17 -17.73
N GLU C 390 -7.96 -21.65 -18.45
CA GLU C 390 -7.95 -20.25 -18.87
C GLU C 390 -8.95 -19.96 -19.98
N ASP C 391 -9.56 -20.98 -20.56
CA ASP C 391 -10.52 -20.75 -21.63
C ASP C 391 -11.77 -20.04 -21.11
N ILE C 392 -12.25 -20.43 -19.91
CA ILE C 392 -13.37 -19.76 -19.26
C ILE C 392 -12.97 -18.45 -18.61
N GLY C 393 -11.68 -18.17 -18.50
CA GLY C 393 -11.23 -16.98 -17.83
C GLY C 393 -10.81 -17.14 -16.37
N LEU C 394 -10.90 -18.34 -15.81
CA LEU C 394 -10.20 -18.58 -14.55
C LEU C 394 -8.71 -18.45 -14.77
N ASN C 395 -8.05 -17.65 -13.93
CA ASN C 395 -6.64 -17.36 -14.08
C ASN C 395 -6.00 -17.21 -12.71
N PHE C 396 -4.67 -17.34 -12.69
CA PHE C 396 -3.89 -17.09 -11.49
C PHE C 396 -4.22 -15.70 -10.93
N ALA C 397 -4.17 -14.68 -11.78
CA ALA C 397 -4.46 -13.31 -11.35
C ALA C 397 -5.91 -13.18 -10.88
N ALA C 398 -6.85 -13.72 -11.65
CA ALA C 398 -8.27 -13.66 -11.26
C ALA C 398 -8.50 -14.42 -9.95
N ALA C 399 -7.79 -15.54 -9.75
CA ALA C 399 -7.92 -16.30 -8.51
C ALA C 399 -7.44 -15.48 -7.32
N LEU C 400 -6.38 -14.69 -7.51
CA LEU C 400 -5.86 -13.88 -6.42
C LEU C 400 -6.83 -12.75 -6.06
N ARG C 401 -7.34 -12.04 -7.08
CA ARG C 401 -8.30 -10.99 -6.81
C ARG C 401 -9.57 -11.53 -6.14
N SER C 402 -9.91 -12.80 -6.42
CA SER C 402 -11.01 -13.44 -5.71
C SER C 402 -10.62 -13.85 -4.29
N PHE C 403 -9.35 -14.22 -4.08
CA PHE C 403 -8.91 -14.60 -2.74
C PHE C 403 -8.97 -13.41 -1.79
N LEU C 404 -8.45 -12.25 -2.23
CA LEU C 404 -8.34 -11.09 -1.35
C LEU C 404 -9.69 -10.63 -0.82
N ARG C 405 -10.80 -10.95 -1.49
CA ARG C 405 -12.11 -10.57 -1.00
C ARG C 405 -12.74 -11.62 -0.08
N GLN C 406 -12.11 -12.79 0.06
CA GLN C 406 -12.61 -13.88 0.90
C GLN C 406 -12.04 -13.89 2.32
N ASP C 407 -11.19 -12.93 2.71
CA ASP C 407 -10.48 -12.97 3.98
C ASP C 407 -9.63 -14.23 4.15
N PRO C 408 -8.72 -14.53 3.22
CA PRO C 408 -7.82 -15.67 3.43
C PRO C 408 -6.83 -15.39 4.55
N ASP C 409 -6.57 -16.41 5.37
CA ASP C 409 -5.34 -16.43 6.18
C ASP C 409 -4.09 -16.80 5.37
N ILE C 410 -4.21 -17.80 4.50
CA ILE C 410 -3.07 -18.31 3.72
C ILE C 410 -3.51 -18.50 2.27
N ILE C 411 -2.75 -17.92 1.34
CA ILE C 411 -3.01 -18.06 -0.10
C ILE C 411 -1.92 -18.94 -0.71
N MET C 412 -2.33 -19.87 -1.56
CA MET C 412 -1.43 -20.75 -2.29
C MET C 412 -1.75 -20.69 -3.78
N ILE C 413 -0.74 -20.45 -4.60
CA ILE C 413 -0.93 -20.44 -6.04
C ILE C 413 0.31 -21.06 -6.68
N GLY C 414 0.12 -21.85 -7.73
CA GLY C 414 1.12 -22.87 -8.06
C GLY C 414 2.42 -22.32 -8.61
N GLU C 415 2.34 -21.42 -9.58
CA GLU C 415 3.51 -20.69 -10.04
C GLU C 415 3.06 -19.32 -10.51
N ILE C 416 3.97 -18.35 -10.48
CA ILE C 416 3.68 -17.05 -11.07
C ILE C 416 4.53 -16.93 -12.34
N ARG C 417 3.87 -16.94 -13.50
CA ARG C 417 4.58 -16.92 -14.77
C ARG C 417 4.80 -15.52 -15.34
N ASP C 418 4.32 -14.47 -14.69
CA ASP C 418 4.23 -13.16 -15.34
C ASP C 418 4.10 -12.09 -14.27
N PHE C 419 3.99 -10.83 -14.72
CA PHE C 419 3.81 -9.74 -13.78
C PHE C 419 2.40 -9.70 -13.21
N GLU C 420 1.39 -9.85 -14.07
CA GLU C 420 0.01 -9.64 -13.64
C GLU C 420 -0.33 -10.47 -12.42
N THR C 421 0.17 -11.70 -12.37
CA THR C 421 0.01 -12.53 -11.17
C THR C 421 0.98 -12.11 -10.08
N ALA C 422 2.24 -11.81 -10.44
CA ALA C 422 3.23 -11.49 -9.43
C ALA C 422 2.88 -10.22 -8.66
N GLU C 423 2.31 -9.22 -9.34
CA GLU C 423 2.01 -7.95 -8.68
C GLU C 423 1.02 -8.14 -7.54
N ILE C 424 -0.13 -8.73 -7.82
CA ILE C 424 -1.14 -8.91 -6.80
C ILE C 424 -0.81 -10.07 -5.86
N ALA C 425 0.13 -10.95 -6.23
CA ALA C 425 0.60 -11.95 -5.28
C ALA C 425 1.46 -11.31 -4.20
N ILE C 426 2.40 -10.45 -4.61
CA ILE C 426 3.22 -9.73 -3.65
C ILE C 426 2.36 -8.81 -2.80
N LYS C 427 1.36 -8.17 -3.41
CA LYS C 427 0.44 -7.33 -2.65
C LYS C 427 -0.29 -8.14 -1.59
N ALA C 428 -0.64 -9.39 -1.92
CA ALA C 428 -1.25 -10.27 -0.93
C ALA C 428 -0.29 -10.58 0.21
N ALA C 429 1.01 -10.66 -0.09
CA ALA C 429 1.99 -10.92 0.95
C ALA C 429 2.16 -9.73 1.89
N LEU C 430 2.14 -8.50 1.34
CA LEU C 430 2.26 -7.30 2.17
C LEU C 430 0.97 -6.97 2.89
N THR C 431 -0.15 -7.55 2.46
CA THR C 431 -1.46 -7.30 3.04
C THR C 431 -1.55 -7.84 4.47
N GLY C 432 -0.58 -8.61 4.94
CA GLY C 432 -0.79 -9.45 6.11
C GLY C 432 -1.08 -10.92 5.91
N HIS C 433 -0.90 -11.47 4.71
CA HIS C 433 -1.20 -12.89 4.52
C HIS C 433 0.09 -13.65 4.21
N LEU C 434 -0.05 -14.96 3.99
CA LEU C 434 1.05 -15.85 3.67
C LEU C 434 0.86 -16.40 2.26
N VAL C 435 1.91 -16.32 1.44
CA VAL C 435 1.83 -16.67 0.03
C VAL C 435 2.83 -17.79 -0.26
N LEU C 436 2.36 -18.83 -0.93
CA LEU C 436 3.18 -19.97 -1.34
C LEU C 436 3.11 -20.09 -2.86
N SER C 437 4.27 -20.30 -3.49
CA SER C 437 4.28 -20.46 -4.95
C SER C 437 5.54 -21.18 -5.38
N THR C 438 5.66 -21.36 -6.68
CA THR C 438 6.81 -21.98 -7.31
C THR C 438 7.24 -21.16 -8.51
N LEU C 439 8.47 -21.42 -8.94
CA LEU C 439 9.01 -20.86 -10.16
C LEU C 439 9.94 -21.92 -10.73
N HIS C 440 10.21 -21.83 -12.01
CA HIS C 440 11.27 -22.65 -12.57
C HIS C 440 12.44 -21.72 -12.76
N THR C 441 13.50 -21.94 -12.00
CA THR C 441 14.70 -21.12 -12.12
C THR C 441 15.90 -21.99 -11.82
N ASN C 442 17.08 -21.37 -11.89
CA ASN C 442 18.32 -22.07 -11.61
C ASN C 442 18.57 -22.25 -10.12
N ASP C 443 18.30 -21.23 -9.31
CA ASP C 443 18.76 -21.18 -7.94
C ASP C 443 17.79 -20.36 -7.11
N ALA C 444 18.11 -20.23 -5.81
CA ALA C 444 17.43 -19.21 -5.00
C ALA C 444 17.75 -17.79 -5.46
N PRO C 445 19.02 -17.39 -5.61
CA PRO C 445 19.27 -16.01 -6.08
C PRO C 445 18.78 -15.75 -7.48
N ALA C 446 18.87 -16.74 -8.38
CA ALA C 446 18.35 -16.58 -9.73
C ALA C 446 16.87 -16.23 -9.70
N THR C 447 16.15 -16.72 -8.68
CA THR C 447 14.75 -16.36 -8.51
C THR C 447 14.59 -14.86 -8.30
N ILE C 448 15.50 -14.26 -7.52
CA ILE C 448 15.44 -12.82 -7.28
C ILE C 448 15.68 -12.06 -8.59
N ASN C 449 16.60 -12.56 -9.41
CA ASN C 449 16.90 -11.87 -10.66
C ASN C 449 15.70 -11.89 -11.60
N ARG C 450 15.06 -13.06 -11.76
CA ARG C 450 13.88 -13.14 -12.61
C ARG C 450 12.75 -12.28 -12.07
N LEU C 451 12.57 -12.26 -10.74
CA LEU C 451 11.57 -11.37 -10.15
C LEU C 451 11.84 -9.91 -10.51
N LEU C 452 13.12 -9.51 -10.53
CA LEU C 452 13.43 -8.13 -10.89
C LEU C 452 13.22 -7.89 -12.37
N ASN C 453 13.48 -8.91 -13.20
CA ASN C 453 13.26 -8.77 -14.64
C ASN C 453 11.78 -8.73 -14.98
N MET C 454 10.93 -9.33 -14.14
CA MET C 454 9.51 -9.21 -14.41
C MET C 454 9.01 -7.78 -14.25
N GLY C 455 9.80 -6.87 -13.68
CA GLY C 455 9.38 -5.52 -13.40
C GLY C 455 9.04 -5.21 -11.96
N VAL C 456 9.17 -6.18 -11.05
CA VAL C 456 8.87 -5.93 -9.65
C VAL C 456 9.95 -5.04 -9.05
N GLU C 457 9.55 -4.06 -8.24
CA GLU C 457 10.53 -3.13 -7.71
C GLU C 457 11.45 -3.83 -6.72
N PRO C 458 12.70 -3.35 -6.59
CA PRO C 458 13.63 -4.03 -5.67
C PRO C 458 13.20 -4.02 -4.21
N PHE C 459 12.67 -2.90 -3.70
CA PHE C 459 12.17 -2.92 -2.32
C PHE C 459 11.01 -3.89 -2.18
N LEU C 460 10.24 -4.06 -3.25
CA LEU C 460 9.06 -4.91 -3.21
C LEU C 460 9.46 -6.37 -3.02
N VAL C 461 10.54 -6.79 -3.67
CA VAL C 461 11.02 -8.16 -3.52
C VAL C 461 11.59 -8.38 -2.11
N ALA C 462 12.49 -7.48 -1.68
CA ALA C 462 13.11 -7.67 -0.37
C ALA C 462 12.09 -7.56 0.76
N SER C 463 11.03 -6.77 0.58
CA SER C 463 10.03 -6.65 1.63
C SER C 463 9.13 -7.88 1.68
N ALA C 464 8.73 -8.39 0.52
CA ALA C 464 7.67 -9.39 0.46
C ALA C 464 8.15 -10.79 0.83
N VAL C 465 9.00 -11.39 -0.01
CA VAL C 465 9.30 -12.81 0.17
C VAL C 465 10.26 -12.97 1.33
N ASN C 466 9.88 -13.78 2.33
CA ASN C 466 10.82 -14.17 3.36
C ASN C 466 11.50 -15.52 3.08
N LEU C 467 11.17 -16.22 2.00
CA LEU C 467 11.92 -17.45 1.74
C LEU C 467 12.03 -17.71 0.23
N ILE C 468 13.17 -18.26 -0.19
CA ILE C 468 13.31 -18.90 -1.49
C ILE C 468 14.03 -20.23 -1.29
N THR C 469 13.39 -21.33 -1.69
CA THR C 469 14.00 -22.65 -1.55
C THR C 469 13.93 -23.39 -2.88
N ALA C 470 15.10 -23.73 -3.42
CA ALA C 470 15.21 -24.50 -4.66
C ALA C 470 15.55 -25.95 -4.34
N GLN C 471 14.98 -26.88 -5.12
CA GLN C 471 15.38 -28.27 -4.96
C GLN C 471 15.26 -29.01 -6.29
N ARG C 472 15.99 -30.12 -6.39
CA ARG C 472 15.92 -31.03 -7.53
C ARG C 472 16.00 -32.48 -7.05
N LEU C 473 15.16 -33.34 -7.62
CA LEU C 473 15.20 -34.77 -7.34
C LEU C 473 16.34 -35.43 -8.09
N ALA C 474 16.97 -36.41 -7.44
CA ALA C 474 18.09 -37.16 -8.01
C ALA C 474 17.96 -38.61 -7.60
N ARG C 475 18.27 -39.51 -8.53
CA ARG C 475 18.22 -40.94 -8.22
C ARG C 475 19.14 -41.28 -7.05
N ARG C 476 18.60 -42.01 -6.08
CA ARG C 476 19.37 -42.53 -4.95
C ARG C 476 19.80 -43.98 -5.19
N VAL C 477 21.03 -44.30 -4.78
CA VAL C 477 21.63 -45.59 -5.08
C VAL C 477 20.88 -46.71 -4.35
N CYS C 478 20.95 -47.92 -4.91
CA CYS C 478 20.26 -49.08 -4.33
C CYS C 478 20.78 -49.39 -2.93
N SER C 479 19.87 -49.87 -2.09
CA SER C 479 20.28 -50.34 -0.76
C SER C 479 21.16 -51.58 -0.85
N GLU C 480 20.69 -52.61 -1.58
CA GLU C 480 21.44 -53.86 -1.69
C GLU C 480 22.61 -53.78 -2.65
N CYS C 481 22.49 -53.03 -3.74
CA CYS C 481 23.50 -53.05 -4.79
C CYS C 481 24.59 -52.01 -4.61
N LYS C 482 24.51 -51.16 -3.59
CA LYS C 482 25.53 -50.15 -3.38
C LYS C 482 26.82 -50.79 -2.91
N GLN C 483 27.91 -50.48 -3.62
CA GLN C 483 29.23 -50.92 -3.24
C GLN C 483 30.13 -49.70 -3.17
N PRO C 484 31.09 -49.67 -2.25
CA PRO C 484 32.01 -48.51 -2.21
C PRO C 484 32.78 -48.41 -3.51
N GLU C 485 32.89 -47.17 -4.01
CA GLU C 485 33.66 -46.91 -5.22
C GLU C 485 34.66 -45.80 -4.90
N GLU C 486 35.95 -46.13 -5.00
CA GLU C 486 37.00 -45.17 -4.69
C GLU C 486 37.10 -44.12 -5.80
N ILE C 487 37.22 -42.87 -5.38
CA ILE C 487 37.37 -41.75 -6.31
C ILE C 487 38.58 -40.97 -5.83
N PRO C 488 39.38 -40.38 -6.73
CA PRO C 488 40.49 -39.55 -6.26
C PRO C 488 39.94 -38.45 -5.37
N ILE C 489 40.58 -38.26 -4.21
CA ILE C 489 39.95 -37.38 -3.24
C ILE C 489 40.12 -35.93 -3.67
N GLN C 490 41.15 -35.64 -4.46
CA GLN C 490 41.36 -34.29 -4.98
C GLN C 490 40.20 -33.86 -5.88
N ALA C 491 39.73 -34.76 -6.75
CA ALA C 491 38.57 -34.44 -7.56
C ALA C 491 37.32 -34.32 -6.70
N LEU C 492 37.14 -35.25 -5.77
CA LEU C 492 36.05 -35.16 -4.81
C LEU C 492 36.25 -33.89 -4.01
N ILE C 493 37.51 -33.60 -3.68
CA ILE C 493 37.87 -32.39 -2.96
C ILE C 493 37.52 -31.15 -3.77
N ASP C 494 37.75 -31.21 -5.08
CA ASP C 494 37.53 -30.07 -5.95
C ASP C 494 36.08 -29.61 -5.94
N ALA C 495 35.15 -30.55 -5.92
CA ALA C 495 33.74 -30.22 -5.93
C ALA C 495 33.35 -29.43 -4.68
N VAL C 497 33.71 -29.17 -1.99
CA VAL C 497 33.99 -29.97 -0.81
C VAL C 497 35.12 -29.38 0.02
N SER C 498 35.17 -29.75 1.29
CA SER C 498 36.22 -29.30 2.19
C SER C 498 37.41 -30.25 2.10
N PRO C 499 38.62 -29.74 1.84
CA PRO C 499 39.79 -30.64 1.81
C PRO C 499 40.06 -31.35 3.12
N ASP C 500 39.62 -30.80 4.25
CA ASP C 500 39.87 -31.42 5.54
C ASP C 500 39.09 -32.71 5.69
N GLU C 501 37.82 -32.71 5.27
CA GLU C 501 36.95 -33.87 5.36
C GLU C 501 37.00 -34.74 4.12
N GLY C 502 37.81 -34.38 3.12
CA GLY C 502 37.87 -35.11 1.87
C GLY C 502 38.21 -36.59 1.98
N PRO C 503 39.30 -36.92 2.70
CA PRO C 503 39.66 -38.34 2.83
C PRO C 503 38.60 -39.22 3.51
N SER C 504 37.66 -38.64 4.24
CA SER C 504 36.65 -39.42 4.95
C SER C 504 35.46 -39.79 4.09
N TYR C 505 35.43 -39.33 2.84
CA TYR C 505 34.34 -39.64 1.94
C TYR C 505 34.52 -41.02 1.33
N VAL C 506 33.49 -41.85 1.44
CA VAL C 506 33.36 -43.04 0.62
C VAL C 506 31.99 -42.98 -0.02
N CYS C 507 31.98 -42.89 -1.34
CA CYS C 507 30.75 -42.77 -2.11
C CYS C 507 30.40 -44.10 -2.76
N TYR C 508 29.11 -44.43 -2.74
CA TYR C 508 28.65 -45.73 -3.17
C TYR C 508 27.99 -45.64 -4.54
N LYS C 509 28.27 -46.62 -5.38
CA LYS C 509 27.65 -46.71 -6.70
C LYS C 509 27.03 -48.09 -6.84
N GLY C 510 25.78 -48.14 -7.31
CA GLY C 510 25.11 -49.40 -7.48
C GLY C 510 25.43 -50.06 -8.80
N THR C 511 25.30 -51.38 -8.85
CA THR C 511 25.61 -52.10 -10.08
C THR C 511 24.33 -52.55 -10.77
N GLY C 512 23.64 -53.53 -10.21
CA GLY C 512 22.28 -53.81 -10.66
C GLY C 512 21.75 -55.06 -10.01
N CYS C 513 20.44 -55.24 -10.14
CA CYS C 513 19.74 -56.37 -9.54
C CYS C 513 18.36 -56.45 -10.19
N VAL C 514 17.55 -57.40 -9.72
CA VAL C 514 16.19 -57.53 -10.24
C VAL C 514 15.27 -56.44 -9.71
N LYS C 515 15.61 -55.85 -8.56
CA LYS C 515 14.78 -54.78 -8.00
C LYS C 515 14.91 -53.49 -8.78
N CYS C 516 16.14 -53.10 -9.12
CA CYS C 516 16.37 -51.83 -9.80
C CYS C 516 16.35 -51.94 -11.32
N ASN C 517 16.15 -53.14 -11.88
CA ASN C 517 16.20 -53.37 -13.33
C ASN C 517 17.56 -52.98 -13.90
N ASN C 518 18.61 -53.21 -13.11
CA ASN C 518 20.00 -52.96 -13.49
C ASN C 518 20.27 -51.47 -13.77
N THR C 519 19.48 -50.58 -13.15
CA THR C 519 19.73 -49.15 -13.26
C THR C 519 20.85 -48.67 -12.35
N GLY C 520 21.19 -49.44 -11.32
CA GLY C 520 22.11 -48.96 -10.31
C GLY C 520 21.58 -47.90 -9.35
N TYR C 521 20.29 -47.56 -9.38
CA TYR C 521 19.72 -46.73 -8.30
C TYR C 521 18.40 -47.34 -7.84
N LYS C 522 17.74 -46.70 -6.86
CA LYS C 522 16.41 -47.16 -6.46
C LYS C 522 15.33 -46.08 -6.44
N GLY C 523 15.46 -45.12 -5.51
CA GLY C 523 14.47 -44.12 -5.24
C GLY C 523 14.83 -42.75 -5.77
N ARG C 524 14.23 -41.72 -5.16
CA ARG C 524 14.59 -40.34 -5.44
C ARG C 524 14.84 -39.62 -4.12
N VAL C 525 16.06 -39.09 -3.94
CA VAL C 525 16.41 -38.19 -2.83
C VAL C 525 16.66 -36.79 -3.39
N GLY C 526 15.92 -35.81 -2.89
CA GLY C 526 16.11 -34.44 -3.34
C GLY C 526 17.26 -33.73 -2.65
N PHE C 527 17.89 -32.82 -3.39
CA PHE C 527 18.90 -31.92 -2.87
C PHE C 527 18.25 -30.56 -2.63
N TYR C 528 18.45 -29.98 -1.45
CA TYR C 528 17.72 -28.77 -1.10
C TYR C 528 18.68 -27.61 -0.84
N GLN C 529 18.32 -26.44 -1.37
CA GLN C 529 18.89 -25.15 -0.98
C GLN C 529 17.75 -24.28 -0.48
N VAL C 530 17.79 -23.90 0.79
CA VAL C 530 16.77 -23.04 1.38
C VAL C 530 17.42 -21.73 1.78
N MET C 531 16.82 -20.62 1.36
CA MET C 531 17.41 -19.30 1.55
C MET C 531 16.39 -18.40 2.23
N PRO C 532 16.37 -18.38 3.56
CA PRO C 532 15.59 -17.36 4.27
C PRO C 532 16.10 -16.00 3.85
N MET C 533 15.26 -14.98 3.91
CA MET C 533 15.79 -13.70 3.45
C MET C 533 16.29 -13.04 4.74
N LEU C 534 17.60 -12.90 4.82
CA LEU C 534 18.34 -12.18 5.85
C LEU C 534 18.31 -10.68 5.64
N GLU C 535 18.44 -9.94 6.74
CA GLU C 535 18.69 -8.50 6.64
C GLU C 535 19.90 -8.20 5.75
N GLU C 536 20.95 -9.04 5.81
CA GLU C 536 22.09 -8.86 4.93
C GLU C 536 21.68 -8.97 3.47
N ILE C 537 20.97 -10.04 3.12
CA ILE C 537 20.46 -10.16 1.76
C ILE C 537 19.47 -9.05 1.47
N ARG C 538 18.70 -8.65 2.48
CA ARG C 538 17.72 -7.58 2.29
C ARG C 538 18.41 -6.29 1.88
N GLU C 539 19.52 -5.96 2.51
CA GLU C 539 20.23 -4.74 2.17
C GLU C 539 20.88 -4.83 0.80
N LEU C 540 21.18 -6.04 0.31
CA LEU C 540 21.84 -6.14 -0.98
C LEU C 540 20.89 -5.94 -2.15
N ILE C 541 19.62 -6.32 -2.02
CA ILE C 541 18.70 -6.04 -3.11
C ILE C 541 18.41 -4.54 -3.19
N LEU C 542 18.33 -3.87 -2.04
CA LEU C 542 17.96 -2.45 -2.01
C LEU C 542 19.11 -1.53 -2.40
N ASN C 543 20.36 -1.92 -2.17
CA ASN C 543 21.52 -1.11 -2.55
C ASN C 543 22.02 -1.43 -3.94
N GLY C 544 21.36 -2.34 -4.62
CA GLY C 544 21.65 -2.88 -5.93
C GLY C 544 22.37 -4.20 -5.80
N ALA C 545 22.16 -5.06 -6.79
CA ALA C 545 22.35 -6.49 -6.57
C ALA C 545 22.80 -7.15 -7.86
N ASN C 546 23.36 -8.34 -7.70
CA ASN C 546 23.82 -9.15 -8.82
C ASN C 546 23.60 -10.60 -8.40
N THR C 547 23.25 -11.45 -9.36
CA THR C 547 22.95 -12.85 -9.04
C THR C 547 24.12 -13.51 -8.35
N ALA C 548 25.34 -13.28 -8.85
CA ALA C 548 26.52 -13.89 -8.28
C ALA C 548 26.80 -13.35 -6.88
N GLU C 549 26.62 -12.04 -6.68
CA GLU C 549 26.92 -11.46 -5.38
C GLU C 549 25.90 -11.89 -4.31
N ILE C 550 24.65 -12.14 -4.71
CA ILE C 550 23.66 -12.70 -3.78
C ILE C 550 24.02 -14.13 -3.42
N LYS C 551 24.49 -14.90 -4.40
CA LYS C 551 24.97 -16.25 -4.13
C LYS C 551 26.10 -16.23 -3.12
N ARG C 552 27.07 -15.33 -3.31
CA ARG C 552 28.19 -15.21 -2.38
C ARG C 552 27.70 -14.87 -0.97
N GLU C 553 26.77 -13.91 -0.87
CA GLU C 553 26.31 -13.48 0.45
C GLU C 553 25.59 -14.59 1.19
N SER C 554 24.65 -15.26 0.54
CA SER C 554 23.93 -16.33 1.21
C SER C 554 24.88 -17.46 1.59
N MET C 555 25.91 -17.69 0.78
CA MET C 555 26.81 -18.81 1.01
C MET C 555 27.80 -18.54 2.13
N ARG C 556 28.22 -17.28 2.34
CA ARG C 556 29.01 -16.92 3.52
C ARG C 556 28.19 -16.80 4.79
N LEU C 557 26.88 -16.55 4.68
CA LEU C 557 26.01 -16.42 5.86
C LEU C 557 25.76 -17.76 6.54
N GLY C 558 26.17 -18.87 5.92
CA GLY C 558 25.92 -20.18 6.43
C GLY C 558 24.82 -20.92 5.71
N ILE C 559 24.11 -20.27 4.80
CA ILE C 559 23.12 -20.96 4.00
C ILE C 559 23.85 -21.88 3.02
N LYS C 560 23.45 -23.14 2.99
CA LYS C 560 24.12 -24.15 2.21
C LYS C 560 23.47 -24.22 0.83
N THR C 561 24.29 -24.35 -0.21
CA THR C 561 23.73 -24.39 -1.55
C THR C 561 23.44 -25.82 -1.96
N MET C 562 22.93 -26.00 -3.18
CA MET C 562 22.54 -27.32 -3.64
C MET C 562 23.71 -28.29 -3.65
N ARG C 563 24.85 -27.84 -4.17
CA ARG C 563 25.97 -28.76 -4.36
C ARG C 563 26.41 -29.34 -3.03
N GLN C 564 26.57 -28.50 -2.01
CA GLN C 564 27.01 -28.98 -0.70
C GLN C 564 25.97 -29.90 -0.09
N SER C 565 24.69 -29.67 -0.41
CA SER C 565 23.64 -30.57 0.06
C SER C 565 23.81 -31.95 -0.56
N GLY C 566 24.01 -32.02 -1.88
CA GLY C 566 24.18 -33.32 -2.53
C GLY C 566 25.41 -34.06 -2.06
N LEU C 567 26.44 -33.29 -1.67
CA LEU C 567 27.66 -33.85 -1.10
C LEU C 567 27.47 -34.51 0.26
N THR C 568 26.70 -33.87 1.14
CA THR C 568 26.37 -34.48 2.41
C THR C 568 25.57 -35.74 2.22
N LYS C 569 24.60 -35.72 1.30
CA LYS C 569 23.92 -36.95 0.90
C LYS C 569 24.87 -37.92 0.21
N LEU C 570 25.97 -37.43 -0.36
CA LEU C 570 26.99 -38.32 -0.92
C LEU C 570 27.82 -38.97 0.18
N LYS C 571 28.24 -38.18 1.18
CA LYS C 571 29.04 -38.72 2.28
C LYS C 571 28.22 -39.71 3.09
N GLU C 572 26.95 -39.39 3.32
CA GLU C 572 26.06 -40.30 4.02
C GLU C 572 25.82 -41.58 3.23
N GLY C 573 26.09 -41.57 1.93
CA GLY C 573 25.93 -42.74 1.10
C GLY C 573 24.56 -42.90 0.48
N VAL C 574 23.75 -41.83 0.44
CA VAL C 574 22.43 -41.92 -0.17
C VAL C 574 22.55 -41.88 -1.69
N THR C 575 23.44 -41.06 -2.23
CA THR C 575 23.61 -40.90 -3.66
C THR C 575 25.07 -41.06 -4.05
N SER C 576 25.35 -40.87 -5.33
CA SER C 576 26.68 -41.12 -5.90
C SER C 576 27.18 -39.87 -6.61
N PHE C 577 28.50 -39.84 -6.82
CA PHE C 577 29.14 -38.68 -7.45
C PHE C 577 28.59 -38.43 -8.85
N GLU C 578 28.35 -39.52 -9.60
CA GLU C 578 27.75 -39.40 -10.92
C GLU C 578 26.46 -38.60 -10.90
N GLU C 579 25.56 -38.92 -9.96
CA GLU C 579 24.26 -38.27 -9.91
C GLU C 579 24.39 -36.83 -9.44
N VAL C 580 25.25 -36.58 -8.45
CA VAL C 580 25.46 -35.21 -7.96
C VAL C 580 25.94 -34.31 -9.08
N LEU C 581 26.90 -34.78 -9.87
CA LEU C 581 27.42 -33.96 -10.96
C LEU C 581 26.37 -33.73 -12.04
N ARG C 582 25.42 -34.65 -12.19
CA ARG C 582 24.40 -34.49 -13.22
C ARG C 582 23.43 -33.38 -12.85
N VAL C 583 22.90 -33.40 -11.61
CA VAL C 583 21.81 -32.52 -11.22
C VAL C 583 22.22 -31.18 -10.64
N THR C 584 23.51 -30.95 -10.39
CA THR C 584 23.94 -29.74 -9.70
C THR C 584 25.11 -29.10 -10.42
N VAL C 585 25.02 -27.78 -10.63
CA VAL C 585 26.14 -27.02 -11.17
C VAL C 585 27.18 -26.79 -10.07
N ALA C 586 28.43 -26.64 -10.49
CA ALA C 586 29.50 -26.39 -9.54
C ALA C 586 29.39 -24.98 -8.96
N ASP C 587 29.44 -24.87 -7.63
CA ASP C 587 29.44 -23.54 -7.03
C ASP C 587 30.80 -22.86 -7.19
N ASP C 588 31.88 -23.63 -7.04
CA ASP C 588 33.27 -23.18 -7.20
C ASP C 588 34.24 -24.36 -7.19
#